data_4M93
#
_entry.id   4M93
#
_cell.length_a   118.894
_cell.length_b   88.806
_cell.length_c   101.890
_cell.angle_alpha   90.000
_cell.angle_beta   102.060
_cell.angle_gamma   90.000
#
_symmetry.space_group_name_H-M   'C 1 2 1'
#
loop_
_entity.id
_entity.type
_entity.pdbx_description
1 polymer 'S25-26 Fab (IgG1k) light chain'
2 polymer 'S25-26 Fab (IgG1k) heavy chain'
3 non-polymer 2-acetamido-2-deoxy-beta-D-glucopyranose
4 non-polymer 'CALCIUM ION'
5 non-polymer 'ACETATE ION'
6 water water
#
loop_
_entity_poly.entity_id
_entity_poly.type
_entity_poly.pdbx_seq_one_letter_code
_entity_poly.pdbx_strand_id
1 'polypeptide(L)'
;DILMNQTPLSLPVSLGDQASISCRSSQYIVHRNGNTYLEWYLQKPGQSPKLLIYKVSNRFSGVPDRFSGSGSGTDFTLKI
SRVEAEDLGVYYCFQGSHVPYTFGGGTKLELKRADAAPTVSIFPPSSEQLTSGGASVVCFLNNFYPKDINVKWKIDGSER
QNGVLNSWTDQDSKDSTYSMSSTLTLTKDEYERHNSYTCEATHKTSTSPIVKSFNRNEC
;
L,C
2 'polypeptide(L)'
;(PCA)VQLKESGPGLVQPSQSLSITCTVSGFSLTTYGVHWVRQSPGKGLEWLGVIWSGGSTDYNAAFISRLSISKDNSKS
HVFFKMNSLQANDTAIYYCARMRITTDWFAYWGQGTLVTVSAAKTTPPSVYPLAPGSAAQTNSMVTLGCLVKGYFPEPVT
VTWNSGSLSSGVHTFPAVLQSDLYTLSSSVTVPSSTWPSETVTCNVAHPASSTKVDKKIVPR
;
H,B
#
loop_
_chem_comp.id
_chem_comp.type
_chem_comp.name
_chem_comp.formula
ACT non-polymer 'ACETATE ION' 'C2 H3 O2 -1'
CA non-polymer 'CALCIUM ION' 'Ca 2'
NAG D-saccharide, beta linking 2-acetamido-2-deoxy-beta-D-glucopyranose 'C8 H15 N O6'
#
# COMPACT_ATOMS: atom_id res chain seq x y z
N ASP A 1 21.77 -1.40 40.23
CA ASP A 1 21.89 -2.30 39.04
C ASP A 1 23.36 -2.49 38.66
N ILE A 2 23.66 -3.62 38.01
CA ILE A 2 25.04 -3.94 37.67
C ILE A 2 25.41 -3.20 36.40
N LEU A 3 26.43 -2.36 36.47
CA LEU A 3 26.90 -1.66 35.27
C LEU A 3 27.77 -2.60 34.50
N MET A 4 27.54 -2.65 33.19
CA MET A 4 28.40 -3.38 32.27
C MET A 4 29.03 -2.32 31.40
N ASN A 5 30.35 -2.22 31.46
CA ASN A 5 31.08 -1.18 30.75
C ASN A 5 31.92 -1.80 29.65
N GLN A 6 31.65 -1.44 28.40
CA GLN A 6 32.39 -2.01 27.27
C GLN A 6 33.44 -1.08 26.72
N THR A 7 34.53 -1.65 26.24
CA THR A 7 35.64 -0.92 25.64
C THR A 7 36.16 -1.73 24.45
N PRO A 8 36.50 -1.08 23.33
CA PRO A 8 36.29 0.33 23.00
C PRO A 8 34.84 0.55 22.56
N LEU A 9 34.42 1.81 22.48
CA LEU A 9 33.09 2.13 21.97
C LEU A 9 32.99 1.80 20.47
N SER A 10 34.08 2.00 19.74
CA SER A 10 34.10 1.52 18.38
C SER A 10 35.51 1.08 17.97
N LEU A 11 35.57 0.04 17.17
CA LEU A 11 36.82 -0.60 16.81
C LEU A 11 36.93 -0.70 15.29
N PRO A 12 37.70 0.22 14.67
CA PRO A 12 37.98 0.04 13.24
C PRO A 12 38.92 -1.14 13.01
N VAL A 13 38.57 -1.98 12.06
CA VAL A 13 39.38 -3.15 11.72
C VAL A 13 39.37 -3.36 10.22
N SER A 14 40.44 -3.94 9.67
CA SER A 14 40.33 -4.44 8.31
C SER A 14 40.11 -5.95 8.34
N LEU A 15 39.57 -6.49 7.26
CA LEU A 15 39.41 -7.95 7.12
C LEU A 15 40.88 -8.59 7.17
N GLY A 16 40.96 -9.69 8.02
CA GLY A 16 42.06 -10.37 8.32
C GLY A 16 42.81 -9.95 9.57
N ASP A 17 42.47 -8.89 10.15
CA ASP A 17 42.93 -8.46 11.50
C ASP A 17 42.43 -9.36 12.65
N GLN A 18 43.11 -9.25 13.82
CA GLN A 18 42.56 -9.76 15.10
C GLN A 18 41.74 -8.67 15.75
N ALA A 19 40.76 -9.05 16.58
CA ALA A 19 39.94 -8.07 17.28
C ALA A 19 39.65 -8.52 18.71
N SER A 20 39.72 -7.56 19.63
CA SER A 20 39.48 -7.84 21.03
C SER A 20 38.56 -6.76 21.57
N ILE A 21 37.53 -7.21 22.28
CA ILE A 21 36.54 -6.35 22.86
C ILE A 21 36.39 -6.74 24.33
N SER A 22 36.28 -5.74 25.19
CA SER A 22 36.26 -6.00 26.62
C SER A 22 34.94 -5.55 27.26
N CYS A 23 34.59 -6.20 28.36
CA CYS A 23 33.44 -5.81 29.11
C CYS A 23 33.78 -5.95 30.60
N ARG A 24 33.56 -4.87 31.34
CA ARG A 24 33.83 -4.83 32.76
C ARG A 24 32.51 -4.66 33.48
N SER A 25 32.26 -5.46 34.51
CA SER A 25 31.05 -5.28 35.32
C SER A 25 31.38 -4.59 36.62
N SER A 26 30.39 -3.88 37.18
CA SER A 26 30.55 -3.18 38.44
C SER A 26 30.62 -4.13 39.64
N GLN A 27 30.24 -5.39 39.43
CA GLN A 27 30.26 -6.40 40.46
C GLN A 27 30.68 -7.72 39.87
N TYR A 28 31.19 -8.61 40.73
CA TYR A 28 31.56 -9.97 40.37
C TYR A 28 30.32 -10.65 39.80
N ILE A 29 30.39 -11.16 38.57
CA ILE A 29 29.24 -11.93 38.14
C ILE A 29 29.30 -13.38 38.65
N VAL A 30 28.58 -13.58 39.75
CA VAL A 30 28.57 -14.84 40.49
C VAL A 30 27.75 -15.89 39.75
N HIS A 31 28.09 -17.16 39.96
CA HIS A 31 27.36 -18.26 39.36
C HIS A 31 25.90 -18.26 39.88
N ARG A 32 24.98 -18.86 39.12
CA ARG A 32 23.62 -19.21 39.62
C ARG A 32 23.39 -20.68 39.23
N ASN A 33 23.15 -21.51 40.25
CA ASN A 33 23.11 -22.98 40.11
C ASN A 33 24.31 -23.53 39.35
N GLY A 34 25.49 -22.99 39.63
CA GLY A 34 26.73 -23.44 39.03
C GLY A 34 27.02 -22.91 37.63
N ASN A 35 26.16 -22.02 37.15
CA ASN A 35 26.31 -21.42 35.83
C ASN A 35 26.67 -19.93 35.85
N THR A 36 27.68 -19.54 35.09
CA THR A 36 28.05 -18.13 35.00
C THR A 36 27.42 -17.52 33.73
N TYR A 37 26.37 -16.73 33.93
CA TYR A 37 25.59 -16.19 32.80
C TYR A 37 26.18 -14.90 32.26
N LEU A 38 27.17 -15.06 31.40
CA LEU A 38 27.77 -13.94 30.70
C LEU A 38 27.74 -14.31 29.22
N GLU A 39 27.01 -13.51 28.43
CA GLU A 39 26.83 -13.80 27.01
C GLU A 39 27.27 -12.63 26.16
N TRP A 40 27.66 -12.95 24.93
CA TRP A 40 27.99 -11.95 23.92
C TRP A 40 27.07 -12.11 22.73
N TYR A 41 26.49 -10.96 22.31
CA TYR A 41 25.61 -10.82 21.15
C TYR A 41 26.21 -9.94 20.04
N LEU A 42 25.97 -10.33 18.78
CA LEU A 42 26.25 -9.52 17.59
C LEU A 42 24.92 -9.04 16.96
N GLN A 43 24.81 -7.75 16.69
CA GLN A 43 23.63 -7.24 15.97
C GLN A 43 24.12 -6.59 14.70
N LYS A 44 23.65 -7.10 13.56
CA LYS A 44 23.90 -6.47 12.26
C LYS A 44 22.81 -5.44 11.98
N PRO A 45 23.07 -4.52 11.03
CA PRO A 45 22.06 -3.54 10.60
C PRO A 45 20.71 -4.16 10.27
N GLY A 46 19.64 -3.68 10.91
CA GLY A 46 18.27 -4.13 10.61
C GLY A 46 17.83 -5.47 11.19
N GLN A 47 18.75 -6.21 11.81
CA GLN A 47 18.47 -7.53 12.36
C GLN A 47 18.37 -7.51 13.88
N SER A 48 17.77 -8.55 14.45
CA SER A 48 17.83 -8.79 15.89
C SER A 48 19.25 -9.20 16.30
N PRO A 49 19.62 -8.94 17.57
CA PRO A 49 20.88 -9.46 18.09
C PRO A 49 20.86 -11.00 18.04
N LYS A 50 22.01 -11.58 17.72
CA LYS A 50 22.23 -13.03 17.72
C LYS A 50 23.30 -13.41 18.74
N LEU A 51 23.03 -14.48 19.49
CA LEU A 51 23.94 -15.01 20.49
C LEU A 51 25.22 -15.52 19.85
N LEU A 52 26.36 -15.08 20.34
CA LEU A 52 27.65 -15.64 19.87
C LEU A 52 28.24 -16.59 20.91
N ILE A 53 28.24 -16.16 22.17
CA ILE A 53 28.90 -16.87 23.26
C ILE A 53 27.96 -16.85 24.46
N TYR A 54 27.81 -18.01 25.11
CA TYR A 54 27.05 -18.07 26.33
C TYR A 54 27.93 -18.72 27.39
N LYS A 55 27.58 -18.50 28.66
CA LYS A 55 28.33 -19.02 29.79
C LYS A 55 29.83 -18.76 29.63
N VAL A 56 30.13 -17.48 29.37
CA VAL A 56 31.50 -16.92 29.34
C VAL A 56 32.32 -17.29 28.09
N SER A 57 32.34 -18.56 27.72
CA SER A 57 33.29 -19.01 26.69
C SER A 57 32.75 -20.10 25.76
N ASN A 58 31.46 -20.41 25.87
CA ASN A 58 30.92 -21.48 25.04
C ASN A 58 30.33 -20.90 23.76
N ARG A 59 30.81 -21.37 22.61
CA ARG A 59 30.32 -20.92 21.31
C ARG A 59 28.95 -21.53 21.05
N PHE A 60 27.98 -20.68 20.72
CA PHE A 60 26.65 -21.15 20.39
C PHE A 60 26.76 -21.91 19.06
N SER A 61 25.88 -22.89 18.81
CA SER A 61 25.94 -23.65 17.55
C SER A 61 25.73 -22.74 16.32
N GLY A 62 26.47 -23.02 15.25
CA GLY A 62 26.46 -22.14 14.07
C GLY A 62 27.51 -21.03 14.13
N VAL A 63 27.96 -20.70 15.33
CA VAL A 63 28.98 -19.66 15.55
C VAL A 63 30.38 -20.23 15.25
N PRO A 64 31.10 -19.67 14.25
CA PRO A 64 32.42 -20.18 13.83
C PRO A 64 33.52 -20.05 14.90
N ASP A 65 34.57 -20.86 14.71
CA ASP A 65 35.67 -21.02 15.65
C ASP A 65 36.62 -19.81 15.78
N ARG A 66 36.43 -18.79 14.95
CA ARG A 66 37.23 -17.58 15.10
C ARG A 66 36.76 -16.75 16.28
N PHE A 67 35.57 -17.06 16.81
CA PHE A 67 35.03 -16.37 17.97
C PHE A 67 35.42 -17.11 19.25
N SER A 68 35.90 -16.37 20.24
CA SER A 68 36.14 -16.95 21.56
C SER A 68 35.87 -15.93 22.66
N GLY A 69 35.46 -16.42 23.82
CA GLY A 69 35.21 -15.56 24.96
C GLY A 69 35.98 -16.11 26.15
N SER A 70 36.37 -15.22 27.04
CA SER A 70 37.15 -15.58 28.22
C SER A 70 36.86 -14.55 29.30
N GLY A 71 37.35 -14.81 30.50
CA GLY A 71 37.25 -13.84 31.58
C GLY A 71 36.63 -14.46 32.80
N SER A 72 36.49 -13.66 33.85
CA SER A 72 35.88 -14.08 35.11
C SER A 72 35.71 -12.88 36.04
N GLY A 73 34.77 -13.00 36.96
CA GLY A 73 34.60 -11.99 38.00
C GLY A 73 33.98 -10.73 37.45
N THR A 74 34.84 -9.73 37.20
CA THR A 74 34.40 -8.44 36.69
C THR A 74 34.88 -8.13 35.28
N ASP A 75 35.78 -8.95 34.75
CA ASP A 75 36.43 -8.66 33.47
C ASP A 75 36.24 -9.78 32.46
N PHE A 76 35.74 -9.42 31.27
CA PHE A 76 35.43 -10.39 30.24
C PHE A 76 35.87 -9.90 28.89
N THR A 77 36.15 -10.85 28.00
CA THR A 77 36.73 -10.53 26.69
C THR A 77 36.12 -11.39 25.60
N LEU A 78 35.79 -10.74 24.50
CA LEU A 78 35.42 -11.43 23.29
C LEU A 78 36.57 -11.26 22.32
N LYS A 79 37.02 -12.37 21.76
CA LYS A 79 38.08 -12.27 20.75
C LYS A 79 37.63 -12.79 19.41
N ILE A 80 38.13 -12.15 18.35
CA ILE A 80 37.99 -12.66 17.00
C ILE A 80 39.38 -12.87 16.39
N SER A 81 39.71 -14.14 16.23
CA SER A 81 40.95 -14.57 15.58
C SER A 81 41.13 -13.86 14.24
N ARG A 82 40.08 -13.83 13.42
CA ARG A 82 40.22 -13.41 12.02
C ARG A 82 38.94 -12.83 11.42
N VAL A 83 38.80 -11.50 11.47
CA VAL A 83 37.59 -10.79 11.03
C VAL A 83 37.21 -11.04 9.55
N GLU A 84 35.97 -11.51 9.37
CA GLU A 84 35.31 -11.64 8.06
C GLU A 84 34.27 -10.53 7.97
N ALA A 85 33.89 -10.19 6.74
CA ALA A 85 32.90 -9.14 6.50
C ALA A 85 31.62 -9.34 7.33
N GLU A 86 31.20 -10.60 7.49
CA GLU A 86 29.97 -10.88 8.23
C GLU A 86 30.07 -10.65 9.75
N ASP A 87 31.24 -10.26 10.23
CA ASP A 87 31.44 -9.99 11.66
C ASP A 87 31.23 -8.53 12.01
N LEU A 88 31.04 -7.69 11.00
CA LEU A 88 30.81 -6.28 11.19
C LEU A 88 29.44 -6.06 11.85
N GLY A 89 29.41 -5.19 12.85
CA GLY A 89 28.16 -4.89 13.54
C GLY A 89 28.42 -4.46 14.96
N VAL A 90 27.39 -4.48 15.78
CA VAL A 90 27.50 -4.01 17.15
C VAL A 90 27.46 -5.23 18.07
N TYR A 91 28.47 -5.35 18.93
CA TYR A 91 28.59 -6.43 19.91
C TYR A 91 28.15 -5.94 21.26
N TYR A 92 27.36 -6.74 21.95
CA TYR A 92 26.95 -6.42 23.32
C TYR A 92 27.25 -7.58 24.27
N CYS A 93 27.79 -7.26 25.44
CA CYS A 93 27.89 -8.21 26.53
C CYS A 93 26.57 -8.13 27.30
N PHE A 94 26.21 -9.24 27.93
CA PHE A 94 24.99 -9.36 28.70
C PHE A 94 25.29 -10.16 29.95
N GLN A 95 24.81 -9.70 31.13
CA GLN A 95 24.95 -10.50 32.35
C GLN A 95 23.58 -10.95 32.82
N GLY A 96 23.45 -12.24 33.10
CA GLY A 96 22.17 -12.78 33.56
C GLY A 96 22.27 -13.30 34.96
N SER A 97 23.16 -12.68 35.73
CA SER A 97 23.43 -13.15 37.08
C SER A 97 22.64 -12.38 38.14
N HIS A 98 22.68 -11.05 38.10
CA HIS A 98 22.00 -10.21 39.10
C HIS A 98 20.80 -9.52 38.46
N VAL A 99 19.61 -9.75 39.00
CA VAL A 99 18.42 -9.01 38.58
C VAL A 99 18.50 -7.54 39.04
N PRO A 100 18.20 -6.59 38.15
CA PRO A 100 17.81 -6.72 36.74
C PRO A 100 19.00 -7.04 35.85
N TYR A 101 18.78 -7.95 34.91
CA TYR A 101 19.85 -8.32 33.99
C TYR A 101 20.17 -7.09 33.14
N THR A 102 21.40 -7.01 32.63
CA THR A 102 21.84 -5.76 32.00
C THR A 102 22.77 -6.04 30.83
N PHE A 103 22.75 -5.13 29.87
CA PHE A 103 23.62 -5.21 28.68
C PHE A 103 24.73 -4.17 28.77
N GLY A 104 25.88 -4.46 28.16
CA GLY A 104 26.84 -3.41 27.87
C GLY A 104 26.24 -2.41 26.88
N GLY A 105 26.90 -1.25 26.74
CA GLY A 105 26.46 -0.17 25.85
C GLY A 105 26.77 -0.42 24.38
N GLY A 106 27.56 -1.44 24.07
CA GLY A 106 27.83 -1.80 22.68
C GLY A 106 29.20 -1.37 22.18
N THR A 107 29.81 -2.17 21.32
CA THR A 107 31.05 -1.82 20.64
C THR A 107 30.75 -2.06 19.18
N LYS A 108 30.88 -1.03 18.35
CA LYS A 108 30.67 -1.21 16.93
C LYS A 108 31.97 -1.66 16.28
N LEU A 109 31.93 -2.82 15.65
CA LEU A 109 33.06 -3.27 14.87
C LEU A 109 32.86 -2.72 13.48
N GLU A 110 33.78 -1.88 13.01
CA GLU A 110 33.60 -1.26 11.69
C GLU A 110 34.81 -1.34 10.78
N LEU A 111 34.54 -1.40 9.48
CA LEU A 111 35.57 -1.60 8.48
C LEU A 111 36.46 -0.35 8.17
N LYS A 112 37.78 -0.51 8.33
CA LYS A 112 38.74 0.56 8.08
C LYS A 112 38.92 0.79 6.54
N ARG A 113 39.18 2.07 6.13
CA ARG A 113 39.29 2.39 4.69
C ARG A 113 40.17 3.72 4.42
N ALA A 114 40.45 3.96 3.13
CA ALA A 114 41.12 5.20 2.90
C ALA A 114 40.33 6.47 3.38
N ASP A 115 41.05 7.52 3.75
CA ASP A 115 40.38 8.70 4.28
C ASP A 115 39.73 9.46 3.10
N ALA A 116 38.43 9.91 3.47
CA ALA A 116 37.71 10.68 2.46
C ALA A 116 37.07 11.92 3.03
N ALA A 117 37.37 13.05 2.41
CA ALA A 117 36.76 14.31 2.82
C ALA A 117 35.32 14.33 2.33
N PRO A 118 34.40 14.94 3.10
CA PRO A 118 33.02 14.87 2.67
C PRO A 118 32.78 15.76 1.45
N THR A 119 31.91 15.33 0.54
CA THR A 119 31.38 16.17 -0.51
C THR A 119 30.27 17.02 0.09
N VAL A 120 30.47 18.33 0.18
CA VAL A 120 29.52 19.21 0.84
C VAL A 120 28.70 19.95 -0.21
N SER A 121 27.39 20.00 0.01
CA SER A 121 26.49 20.69 -0.88
C SER A 121 25.48 21.43 -0.03
N ILE A 122 25.17 22.67 -0.40
CA ILE A 122 24.19 23.49 0.33
C ILE A 122 23.08 23.92 -0.61
N PHE A 123 21.86 24.02 -0.08
CA PHE A 123 20.69 24.33 -0.88
C PHE A 123 19.84 25.36 -0.18
N PRO A 124 19.56 26.48 -0.87
CA PRO A 124 18.63 27.52 -0.41
C PRO A 124 17.21 26.98 -0.35
N PRO A 125 16.32 27.64 0.39
CA PRO A 125 14.92 27.24 0.39
C PRO A 125 14.38 27.15 -1.04
N SER A 126 13.55 26.14 -1.32
CA SER A 126 12.78 26.12 -2.57
C SER A 126 11.73 27.23 -2.55
N SER A 127 11.37 27.73 -3.72
CA SER A 127 10.36 28.80 -3.81
C SER A 127 8.97 28.30 -3.46
N GLU A 128 8.72 27.01 -3.69
CA GLU A 128 7.47 26.40 -3.22
C GLU A 128 7.37 26.50 -1.69
N GLN A 129 8.46 26.17 -0.99
CA GLN A 129 8.48 26.29 0.47
C GLN A 129 8.27 27.73 0.92
N LEU A 130 9.00 28.65 0.28
CA LEU A 130 8.95 30.06 0.60
C LEU A 130 7.53 30.59 0.57
N THR A 131 6.77 30.19 -0.45
CA THR A 131 5.36 30.56 -0.59
C THR A 131 4.51 30.05 0.58
N SER A 132 4.85 28.88 1.11
CA SER A 132 4.18 28.30 2.28
C SER A 132 4.54 29.02 3.58
N GLY A 133 5.54 29.90 3.54
CA GLY A 133 5.94 30.69 4.70
C GLY A 133 7.03 30.05 5.55
N GLY A 134 7.75 29.10 4.97
CA GLY A 134 8.82 28.42 5.69
C GLY A 134 10.13 28.50 4.93
N ALA A 135 11.24 28.26 5.62
CA ALA A 135 12.53 28.37 4.98
C ALA A 135 13.52 27.40 5.58
N SER A 136 13.76 26.31 4.84
CA SER A 136 14.73 25.32 5.28
C SER A 136 15.95 25.38 4.37
N VAL A 137 17.11 25.56 4.98
CA VAL A 137 18.38 25.47 4.29
C VAL A 137 18.96 24.10 4.59
N VAL A 138 19.37 23.40 3.54
CA VAL A 138 19.82 22.02 3.66
C VAL A 138 21.30 21.91 3.24
N CYS A 139 22.04 21.13 4.02
CA CYS A 139 23.43 20.82 3.75
C CYS A 139 23.61 19.30 3.76
N PHE A 140 24.18 18.77 2.69
CA PHE A 140 24.52 17.36 2.62
C PHE A 140 26.02 17.22 2.75
N LEU A 141 26.46 16.34 3.65
CA LEU A 141 27.88 16.02 3.74
C LEU A 141 28.00 14.53 3.47
N ASN A 142 28.44 14.20 2.27
CA ASN A 142 28.33 12.84 1.79
C ASN A 142 29.66 12.08 1.62
N ASN A 143 29.62 10.79 1.89
CA ASN A 143 30.74 9.88 1.56
C ASN A 143 32.07 10.25 2.21
N PHE A 144 32.03 10.42 3.52
CA PHE A 144 33.21 10.75 4.30
C PHE A 144 33.69 9.57 5.18
N TYR A 145 34.97 9.59 5.53
CA TYR A 145 35.59 8.62 6.47
C TYR A 145 36.87 9.25 7.01
N PRO A 146 37.11 9.16 8.34
CA PRO A 146 36.32 8.50 9.40
C PRO A 146 35.02 9.23 9.77
N LYS A 147 34.29 8.64 10.71
CA LYS A 147 32.95 9.11 11.10
C LYS A 147 32.94 10.46 11.82
N ASP A 148 33.97 10.79 12.59
CA ASP A 148 33.99 12.07 13.32
C ASP A 148 33.92 13.26 12.35
N ILE A 149 32.92 14.10 12.59
CA ILE A 149 32.63 15.28 11.79
C ILE A 149 31.78 16.25 12.63
N ASN A 150 32.03 17.55 12.47
CA ASN A 150 31.21 18.56 13.12
C ASN A 150 30.77 19.62 12.12
N VAL A 151 29.48 19.95 12.18
CA VAL A 151 28.88 20.91 11.25
C VAL A 151 28.52 22.17 12.01
N LYS A 152 28.89 23.32 11.45
CA LYS A 152 28.55 24.61 12.03
C LYS A 152 27.77 25.42 11.00
N TRP A 153 26.69 26.05 11.47
CA TRP A 153 25.90 26.93 10.63
C TRP A 153 26.23 28.38 10.91
N LYS A 154 26.38 29.15 9.84
CA LYS A 154 26.61 30.59 9.98
C LYS A 154 25.59 31.38 9.17
N ILE A 155 25.02 32.39 9.82
CA ILE A 155 24.12 33.35 9.19
C ILE A 155 24.82 34.71 9.25
N ASP A 156 25.15 35.24 8.07
CA ASP A 156 25.98 36.45 7.96
C ASP A 156 27.25 36.28 8.84
N GLY A 157 27.82 35.05 8.80
CA GLY A 157 29.10 34.76 9.58
C GLY A 157 28.96 34.56 11.09
N SER A 158 27.64 34.66 11.56
CA SER A 158 27.37 34.49 13.01
C SER A 158 26.86 33.07 13.21
N GLU A 159 27.54 32.35 14.11
CA GLU A 159 27.23 30.98 14.47
C GLU A 159 25.76 30.81 14.84
N ARG A 160 25.16 29.77 14.29
CA ARG A 160 23.73 29.49 14.47
C ARG A 160 23.49 28.07 14.99
N GLN A 161 22.86 28.01 16.17
CA GLN A 161 22.59 26.76 16.86
C GLN A 161 21.13 26.31 16.66
N ASN A 162 20.20 27.23 16.87
CA ASN A 162 18.78 26.88 16.93
C ASN A 162 18.10 26.62 15.60
N GLY A 163 17.20 25.64 15.60
CA GLY A 163 16.52 25.18 14.40
C GLY A 163 17.36 24.24 13.54
N VAL A 164 18.44 23.69 14.10
CA VAL A 164 19.27 22.74 13.34
C VAL A 164 18.91 21.30 13.70
N LEU A 165 18.74 20.47 12.68
CA LEU A 165 18.43 19.07 12.86
C LEU A 165 19.34 18.31 11.93
N ASN A 166 20.06 17.33 12.48
CA ASN A 166 21.02 16.53 11.72
C ASN A 166 20.55 15.10 11.63
N SER A 167 20.96 14.43 10.55
CA SER A 167 20.65 13.03 10.40
C SER A 167 21.82 12.32 9.75
N TRP A 168 22.21 11.19 10.32
CA TRP A 168 23.39 10.46 9.84
C TRP A 168 22.98 9.10 9.31
N THR A 169 23.62 8.67 8.24
CA THR A 169 23.48 7.29 7.78
C THR A 169 24.46 6.41 8.57
N ASP A 170 24.20 5.11 8.64
CA ASP A 170 25.20 4.16 9.13
C ASP A 170 26.26 3.93 8.04
N GLN A 171 27.34 3.22 8.38
CA GLN A 171 28.42 2.97 7.44
C GLN A 171 27.88 2.27 6.21
N ASP A 172 28.15 2.82 5.03
CA ASP A 172 27.65 2.24 3.81
C ASP A 172 28.23 0.85 3.60
N SER A 173 27.37 -0.10 3.27
CA SER A 173 27.78 -1.50 3.10
C SER A 173 28.68 -1.72 1.89
N LYS A 174 28.62 -0.80 0.93
CA LYS A 174 29.40 -0.91 -0.31
C LYS A 174 30.76 -0.21 -0.20
N ASP A 175 30.74 1.12 0.00
CA ASP A 175 32.01 1.88 0.09
C ASP A 175 32.53 2.15 1.51
N SER A 176 31.78 1.75 2.53
CA SER A 176 32.23 1.90 3.93
C SER A 176 32.38 3.36 4.37
N THR A 177 31.69 4.29 3.71
CA THR A 177 31.79 5.69 4.11
C THR A 177 30.56 6.08 4.93
N TYR A 178 30.56 7.30 5.43
CA TYR A 178 29.39 7.82 6.14
C TYR A 178 28.82 9.03 5.38
N SER A 179 27.56 9.36 5.63
CA SER A 179 26.96 10.55 5.05
C SER A 179 26.11 11.18 6.14
N MET A 180 25.82 12.47 5.97
CA MET A 180 25.08 13.22 6.97
C MET A 180 24.30 14.33 6.28
N SER A 181 23.12 14.66 6.79
CA SER A 181 22.37 15.82 6.33
C SER A 181 22.23 16.73 7.51
N SER A 182 22.23 18.04 7.24
CA SER A 182 22.00 19.05 8.25
C SER A 182 21.06 20.08 7.66
N THR A 183 19.98 20.36 8.38
CA THR A 183 18.92 21.26 7.93
C THR A 183 18.74 22.36 8.97
N LEU A 184 18.82 23.60 8.52
CA LEU A 184 18.54 24.75 9.36
C LEU A 184 17.18 25.24 8.95
N THR A 185 16.22 25.17 9.88
CA THR A 185 14.85 25.56 9.62
C THR A 185 14.56 26.90 10.28
N LEU A 186 14.02 27.83 9.50
CA LEU A 186 13.70 29.19 9.94
C LEU A 186 12.38 29.57 9.34
N THR A 187 11.75 30.61 9.87
CA THR A 187 10.57 31.17 9.23
C THR A 187 11.00 31.90 7.94
N LYS A 188 10.05 32.12 7.04
CA LYS A 188 10.29 32.95 5.85
C LYS A 188 10.79 34.36 6.22
N ASP A 189 10.14 35.00 7.19
CA ASP A 189 10.53 36.35 7.66
C ASP A 189 11.97 36.37 8.13
N GLU A 190 12.30 35.44 9.02
CA GLU A 190 13.66 35.28 9.52
C GLU A 190 14.69 35.07 8.40
N TYR A 191 14.33 34.23 7.43
CA TYR A 191 15.19 33.97 6.28
C TYR A 191 15.51 35.23 5.51
N GLU A 192 14.48 36.06 5.30
CA GLU A 192 14.61 37.29 4.52
C GLU A 192 15.51 38.34 5.16
N ARG A 193 15.58 38.35 6.49
CA ARG A 193 16.36 39.34 7.25
C ARG A 193 17.86 39.24 6.99
N HIS A 194 18.27 38.16 6.36
CA HIS A 194 19.69 37.86 6.24
C HIS A 194 20.08 37.52 4.82
N ASN A 195 21.35 37.70 4.52
CA ASN A 195 21.82 37.52 3.17
C ASN A 195 22.65 36.24 3.00
N SER A 196 23.57 36.00 3.93
CA SER A 196 24.60 34.99 3.78
C SER A 196 24.37 33.75 4.63
N TYR A 197 24.37 32.57 4.00
CA TYR A 197 24.15 31.29 4.71
C TYR A 197 25.29 30.31 4.43
N THR A 198 25.89 29.80 5.51
CA THR A 198 27.07 28.96 5.40
C THR A 198 26.94 27.70 6.23
N CYS A 199 27.34 26.58 5.64
CA CYS A 199 27.47 25.31 6.31
C CYS A 199 28.97 25.04 6.35
N GLU A 200 29.49 24.86 7.57
CA GLU A 200 30.93 24.63 7.79
C GLU A 200 31.17 23.26 8.40
N ALA A 201 32.00 22.46 7.73
CA ALA A 201 32.24 21.11 8.17
C ALA A 201 33.66 20.94 8.59
N THR A 202 33.84 20.39 9.79
CA THR A 202 35.16 20.13 10.33
C THR A 202 35.35 18.63 10.37
N HIS A 203 36.40 18.18 9.71
CA HIS A 203 36.65 16.76 9.56
C HIS A 203 38.13 16.51 9.63
N LYS A 204 38.47 15.36 10.20
CA LYS A 204 39.84 14.86 10.30
C LYS A 204 40.74 15.12 9.08
N THR A 205 40.18 15.02 7.87
CA THR A 205 40.95 15.18 6.63
C THR A 205 41.62 16.57 6.46
N SER A 206 41.19 17.57 7.23
CA SER A 206 41.91 18.86 7.31
C SER A 206 41.60 19.72 8.52
N THR A 207 42.54 20.59 8.86
CA THR A 207 42.33 21.59 9.90
C THR A 207 41.38 22.67 9.42
N SER A 208 41.60 23.13 8.19
CA SER A 208 40.75 24.12 7.55
C SER A 208 39.34 23.55 7.31
N PRO A 209 38.30 24.24 7.81
CA PRO A 209 36.94 23.79 7.57
C PRO A 209 36.55 23.78 6.09
N ILE A 210 35.66 22.87 5.72
CA ILE A 210 35.08 22.90 4.37
C ILE A 210 33.85 23.80 4.45
N VAL A 211 33.89 24.89 3.69
CA VAL A 211 32.86 25.91 3.74
C VAL A 211 32.07 25.88 2.44
N LYS A 212 30.75 25.88 2.57
CA LYS A 212 29.86 26.11 1.44
C LYS A 212 28.85 27.14 1.82
N SER A 213 28.58 28.05 0.90
CA SER A 213 27.84 29.24 1.19
C SER A 213 27.00 29.68 -0.01
N PHE A 214 25.94 30.43 0.27
CA PHE A 214 25.23 31.14 -0.78
C PHE A 214 24.75 32.47 -0.20
N ASN A 215 24.39 33.40 -1.09
CA ASN A 215 23.86 34.69 -0.71
C ASN A 215 22.45 34.88 -1.22
N ARG A 216 21.54 35.26 -0.32
CA ARG A 216 20.12 35.39 -0.63
C ARG A 216 19.80 36.33 -1.80
N ASN A 217 20.71 37.24 -2.12
CA ASN A 217 20.55 38.14 -3.27
C ASN A 217 21.17 37.59 -4.57
N GLU A 218 21.94 36.50 -4.42
CA GLU A 218 22.64 35.77 -5.51
C GLU A 218 24.06 36.24 -5.75
N PCA B 1 13.12 -24.16 11.39
CA PCA B 1 13.85 -24.43 12.62
CB PCA B 1 15.28 -23.98 12.33
CG PCA B 1 15.21 -23.13 11.01
CD PCA B 1 13.85 -23.55 10.44
OE PCA B 1 13.48 -23.35 9.26
C PCA B 1 13.25 -23.72 13.81
O PCA B 1 12.06 -23.36 13.78
N VAL B 2 14.05 -23.50 14.85
CA VAL B 2 13.60 -22.81 16.06
C VAL B 2 13.29 -21.34 15.75
N GLN B 3 12.18 -20.83 16.28
CA GLN B 3 11.73 -19.49 15.93
C GLN B 3 10.85 -18.87 17.00
N LEU B 4 10.92 -17.55 17.10
CA LEU B 4 10.02 -16.77 17.93
C LEU B 4 9.41 -15.69 17.04
N LYS B 5 8.10 -15.74 16.87
CA LYS B 5 7.38 -14.80 16.01
C LYS B 5 6.63 -13.76 16.86
N GLU B 6 6.90 -12.49 16.60
CA GLU B 6 6.29 -11.41 17.34
C GLU B 6 5.17 -10.73 16.58
N SER B 7 4.12 -10.37 17.30
CA SER B 7 3.01 -9.65 16.70
C SER B 7 2.50 -8.60 17.67
N GLY B 8 2.18 -7.42 17.13
CA GLY B 8 1.88 -6.24 17.95
C GLY B 8 1.89 -4.96 17.13
N PRO B 9 1.47 -3.83 17.72
CA PRO B 9 1.30 -2.58 16.97
C PRO B 9 2.60 -1.86 16.57
N GLY B 10 2.53 -1.11 15.47
CA GLY B 10 3.56 -0.09 15.11
C GLY B 10 3.35 1.26 15.80
N LEU B 11 2.11 1.55 16.23
CA LEU B 11 1.78 2.86 16.78
C LEU B 11 0.92 2.71 18.02
N VAL B 12 1.29 3.42 19.08
CA VAL B 12 0.53 3.42 20.31
C VAL B 12 0.30 4.86 20.71
N GLN B 13 -0.94 5.19 21.10
CA GLN B 13 -1.26 6.51 21.59
C GLN B 13 -0.68 6.70 22.99
N PRO B 14 -0.12 7.89 23.27
CA PRO B 14 0.36 8.22 24.62
C PRO B 14 -0.70 7.91 25.68
N SER B 15 -0.25 7.37 26.81
CA SER B 15 -1.08 6.94 27.95
C SER B 15 -1.77 5.60 27.70
N GLN B 16 -1.65 5.06 26.49
CA GLN B 16 -2.29 3.79 26.20
C GLN B 16 -1.32 2.62 26.35
N SER B 17 -1.81 1.39 26.19
CA SER B 17 -0.98 0.22 26.50
C SER B 17 -0.44 -0.47 25.25
N LEU B 18 0.62 -1.21 25.44
CA LEU B 18 1.27 -1.92 24.36
C LEU B 18 1.16 -3.42 24.62
N SER B 19 0.40 -4.14 23.80
CA SER B 19 0.33 -5.61 23.86
C SER B 19 1.14 -6.27 22.73
N ILE B 20 2.05 -7.16 23.09
CA ILE B 20 2.81 -7.91 22.07
C ILE B 20 2.71 -9.39 22.41
N THR B 21 2.49 -10.19 21.39
CA THR B 21 2.46 -11.62 21.54
C THR B 21 3.75 -12.19 20.94
N CYS B 22 4.36 -13.09 21.67
CA CYS B 22 5.44 -13.86 21.12
C CYS B 22 4.94 -15.30 20.93
N THR B 23 5.03 -15.79 19.70
CA THR B 23 4.69 -17.17 19.35
C THR B 23 5.96 -17.99 19.16
N VAL B 24 6.10 -19.00 20.02
CA VAL B 24 7.26 -19.85 20.05
C VAL B 24 7.04 -21.08 19.17
N SER B 25 8.09 -21.51 18.47
CA SER B 25 8.09 -22.82 17.80
C SER B 25 9.47 -23.46 17.89
N GLY B 26 9.48 -24.79 17.94
CA GLY B 26 10.74 -25.54 18.00
C GLY B 26 11.11 -25.98 19.41
N PHE B 27 10.51 -25.34 20.41
CA PHE B 27 10.71 -25.71 21.81
C PHE B 27 9.45 -25.43 22.63
N SER B 28 9.40 -25.98 23.85
CA SER B 28 8.23 -25.87 24.69
C SER B 28 8.42 -24.80 25.76
N LEU B 29 7.43 -23.93 25.92
CA LEU B 29 7.42 -22.95 27.00
C LEU B 29 7.41 -23.61 28.37
N THR B 30 7.08 -24.90 28.42
CA THR B 30 7.20 -25.63 29.67
C THR B 30 8.69 -25.86 29.99
N THR B 31 9.55 -25.79 28.97
CA THR B 31 10.99 -26.04 29.14
C THR B 31 11.85 -24.79 29.40
N TYR B 32 11.60 -23.68 28.70
CA TYR B 32 12.48 -22.51 28.82
C TYR B 32 11.75 -21.22 29.15
N GLY B 33 12.46 -20.29 29.78
CA GLY B 33 11.95 -18.93 29.99
C GLY B 33 12.00 -18.05 28.75
N VAL B 34 11.12 -17.06 28.69
CA VAL B 34 11.18 -16.06 27.62
C VAL B 34 11.35 -14.67 28.22
N HIS B 35 12.38 -13.95 27.76
CA HIS B 35 12.68 -12.59 28.23
C HIS B 35 12.12 -11.52 27.26
N TRP B 36 11.87 -10.33 27.80
CA TRP B 36 11.52 -9.16 27.01
C TRP B 36 12.56 -8.06 27.23
N VAL B 37 12.95 -7.46 26.12
CA VAL B 37 14.06 -6.53 26.01
C VAL B 37 13.59 -5.44 25.05
N ARG B 38 14.08 -4.21 25.22
CA ARG B 38 13.83 -3.21 24.21
C ARG B 38 15.12 -2.48 23.89
N GLN B 39 15.13 -1.84 22.73
CA GLN B 39 16.30 -1.16 22.26
C GLN B 39 15.86 0.20 21.75
N SER B 40 16.45 1.25 22.31
CA SER B 40 16.20 2.58 21.80
C SER B 40 17.54 3.22 21.50
N PRO B 41 17.56 4.20 20.58
CA PRO B 41 18.77 5.00 20.32
C PRO B 41 19.43 5.60 21.57
N GLY B 42 18.65 6.21 22.44
CA GLY B 42 19.18 6.89 23.62
C GLY B 42 19.66 5.99 24.74
N LYS B 43 18.90 4.93 25.02
CA LYS B 43 19.12 4.08 26.20
C LYS B 43 19.83 2.75 25.94
N GLY B 44 19.94 2.36 24.66
CA GLY B 44 20.59 1.09 24.29
C GLY B 44 19.67 -0.10 24.56
N LEU B 45 20.23 -1.28 24.78
CA LEU B 45 19.42 -2.45 25.08
C LEU B 45 19.05 -2.48 26.56
N GLU B 46 17.75 -2.56 26.87
CA GLU B 46 17.28 -2.70 28.26
C GLU B 46 16.47 -3.98 28.45
N TRP B 47 16.84 -4.76 29.45
CA TRP B 47 16.08 -5.93 29.82
C TRP B 47 14.85 -5.49 30.63
N LEU B 48 13.68 -6.01 30.27
CA LEU B 48 12.42 -5.60 30.87
C LEU B 48 11.88 -6.62 31.85
N GLY B 49 11.93 -7.91 31.47
CA GLY B 49 11.44 -8.93 32.36
C GLY B 49 11.51 -10.30 31.73
N VAL B 50 11.13 -11.30 32.52
CA VAL B 50 11.22 -12.66 32.07
C VAL B 50 10.02 -13.42 32.59
N ILE B 51 9.54 -14.37 31.80
CA ILE B 51 8.65 -15.38 32.37
C ILE B 51 9.35 -16.74 32.29
N TRP B 52 9.57 -17.33 33.46
CA TRP B 52 10.28 -18.58 33.53
C TRP B 52 9.41 -19.76 33.10
N SER B 53 10.08 -20.86 32.74
CA SER B 53 9.42 -22.11 32.34
C SER B 53 8.38 -22.54 33.37
N GLY B 54 8.74 -22.44 34.64
CA GLY B 54 7.80 -22.77 35.73
C GLY B 54 6.57 -21.88 35.85
N GLY B 55 6.57 -20.72 35.20
CA GLY B 55 5.40 -19.84 35.21
C GLY B 55 5.55 -18.54 35.99
N SER B 56 6.55 -18.46 36.86
CA SER B 56 6.81 -17.24 37.61
C SER B 56 7.45 -16.15 36.73
N THR B 57 7.40 -14.91 37.22
CA THR B 57 7.99 -13.78 36.51
C THR B 57 8.97 -13.00 37.36
N ASP B 58 9.88 -12.30 36.69
CA ASP B 58 10.70 -11.26 37.30
C ASP B 58 10.67 -10.08 36.35
N TYR B 59 10.67 -8.87 36.92
CA TYR B 59 10.59 -7.65 36.12
C TYR B 59 11.68 -6.70 36.52
N ASN B 60 12.15 -5.90 35.56
CA ASN B 60 13.04 -4.78 35.87
C ASN B 60 12.31 -3.77 36.78
N ALA B 61 12.89 -3.45 37.93
CA ALA B 61 12.22 -2.60 38.95
C ALA B 61 11.79 -1.22 38.45
N ALA B 62 12.50 -0.69 37.46
CA ALA B 62 12.13 0.59 36.83
C ALA B 62 10.85 0.50 35.98
N PHE B 63 10.31 -0.71 35.79
CA PHE B 63 9.10 -0.90 34.99
C PHE B 63 8.00 -1.72 35.68
N ILE B 64 8.33 -2.38 36.78
CA ILE B 64 7.43 -3.37 37.42
C ILE B 64 5.95 -2.94 37.63
N SER B 65 5.73 -1.65 37.91
CA SER B 65 4.37 -1.12 38.10
C SER B 65 3.48 -1.11 36.84
N ARG B 66 4.09 -1.01 35.66
CA ARG B 66 3.30 -0.89 34.43
C ARG B 66 3.58 -2.02 33.43
N LEU B 67 4.23 -3.06 33.92
CA LEU B 67 4.67 -4.15 33.09
C LEU B 67 4.03 -5.45 33.52
N SER B 68 3.61 -6.25 32.54
CA SER B 68 3.14 -7.61 32.85
C SER B 68 3.41 -8.64 31.76
N ILE B 69 3.79 -9.84 32.18
CA ILE B 69 4.07 -10.94 31.26
C ILE B 69 3.35 -12.20 31.69
N SER B 70 2.65 -12.84 30.75
CA SER B 70 1.96 -14.10 31.00
C SER B 70 2.13 -15.00 29.77
N LYS B 71 1.70 -16.25 29.89
CA LYS B 71 1.86 -17.22 28.81
C LYS B 71 0.76 -18.29 28.75
N ASP B 72 0.56 -18.83 27.55
CA ASP B 72 -0.26 -20.01 27.34
C ASP B 72 0.64 -21.11 26.77
N ASN B 73 0.92 -22.11 27.61
CA ASN B 73 1.79 -23.22 27.22
C ASN B 73 1.27 -24.01 26.02
N SER B 74 -0.02 -24.31 26.02
CA SER B 74 -0.69 -25.09 24.97
C SER B 74 -0.55 -24.48 23.57
N LYS B 75 -0.75 -23.15 23.47
CA LYS B 75 -0.75 -22.45 22.19
C LYS B 75 0.61 -21.87 21.86
N SER B 76 1.59 -22.12 22.75
CA SER B 76 2.94 -21.56 22.66
C SER B 76 2.98 -20.03 22.55
N HIS B 77 2.16 -19.35 23.34
CA HIS B 77 2.09 -17.89 23.35
C HIS B 77 2.65 -17.28 24.62
N VAL B 78 3.44 -16.24 24.47
CA VAL B 78 3.88 -15.42 25.59
C VAL B 78 3.30 -14.04 25.35
N PHE B 79 2.67 -13.48 26.39
CA PHE B 79 2.03 -12.18 26.27
C PHE B 79 2.77 -11.12 27.06
N PHE B 80 3.09 -10.02 26.40
CA PHE B 80 3.77 -8.88 26.98
C PHE B 80 2.79 -7.73 26.98
N LYS B 81 2.64 -7.10 28.13
CA LYS B 81 1.76 -5.93 28.22
C LYS B 81 2.42 -4.84 29.05
N MET B 82 2.59 -3.66 28.45
CA MET B 82 3.11 -2.49 29.15
C MET B 82 2.07 -1.39 29.08
N ASN B 83 1.70 -0.86 30.24
CA ASN B 83 0.73 0.21 30.31
C ASN B 83 1.32 1.60 30.20
N SER B 84 0.44 2.57 29.95
CA SER B 84 0.71 4.01 30.09
C SER B 84 1.96 4.45 29.36
N LEU B 85 2.05 4.12 28.07
CA LEU B 85 3.22 4.48 27.27
C LEU B 85 3.36 5.98 27.05
N GLN B 86 4.60 6.44 27.01
CA GLN B 86 4.92 7.84 26.69
C GLN B 86 5.98 7.91 25.59
N ALA B 87 6.20 9.10 25.05
CA ALA B 87 7.11 9.27 23.92
C ALA B 87 8.47 8.56 24.13
N ASN B 88 9.04 8.63 25.35
CA ASN B 88 10.31 7.92 25.62
C ASN B 88 10.23 6.38 25.69
N ASP B 89 9.04 5.82 25.48
CA ASP B 89 8.90 4.37 25.35
C ASP B 89 9.02 3.92 23.91
N THR B 90 9.20 4.86 22.99
CA THR B 90 9.39 4.53 21.60
C THR B 90 10.67 3.69 21.52
N ALA B 91 10.56 2.50 20.94
CA ALA B 91 11.68 1.56 20.91
C ALA B 91 11.32 0.36 20.07
N ILE B 92 12.34 -0.42 19.72
CA ILE B 92 12.12 -1.75 19.21
C ILE B 92 12.02 -2.72 20.41
N TYR B 93 10.96 -3.53 20.46
CA TYR B 93 10.75 -4.50 21.56
C TYR B 93 10.98 -5.91 21.04
N TYR B 94 11.66 -6.77 21.81
CA TYR B 94 11.95 -8.14 21.42
C TYR B 94 11.51 -9.12 22.50
N CYS B 95 10.99 -10.27 22.09
CA CYS B 95 11.01 -11.43 22.95
C CYS B 95 12.30 -12.19 22.65
N ALA B 96 12.85 -12.80 23.68
CA ALA B 96 14.09 -13.56 23.47
C ALA B 96 14.25 -14.73 24.41
N ARG B 97 14.90 -15.76 23.90
CA ARG B 97 15.41 -16.83 24.71
C ARG B 97 16.86 -16.40 25.04
N MET B 98 17.13 -16.11 26.31
CA MET B 98 18.48 -15.74 26.73
C MET B 98 18.82 -16.32 28.11
N ARG B 99 20.02 -16.01 28.63
CA ARG B 99 20.50 -16.59 29.90
C ARG B 99 20.57 -18.11 29.72
N ILE B 100 21.43 -18.48 28.79
CA ILE B 100 21.46 -19.75 28.10
C ILE B 100 22.34 -20.73 28.88
N THR B 101 21.83 -21.95 29.05
CA THR B 101 22.54 -23.01 29.75
C THR B 101 23.00 -24.08 28.77
N THR B 102 22.24 -24.27 27.70
CA THR B 102 22.49 -25.35 26.73
C THR B 102 22.81 -24.80 25.35
N ASP B 103 23.44 -25.65 24.55
CA ASP B 103 23.93 -25.31 23.21
C ASP B 103 22.82 -25.08 22.16
N TRP B 104 21.54 -25.17 22.56
CA TRP B 104 20.42 -25.13 21.60
C TRP B 104 19.34 -24.07 21.89
N PHE B 105 18.56 -23.74 20.86
CA PHE B 105 17.28 -23.00 20.98
C PHE B 105 17.35 -21.48 21.24
N ALA B 106 18.56 -20.94 21.37
CA ALA B 106 18.73 -19.52 21.71
C ALA B 106 18.50 -18.61 20.52
N TYR B 107 17.33 -17.96 20.47
CA TYR B 107 17.00 -17.05 19.37
C TYR B 107 16.14 -15.93 19.92
N TRP B 108 16.20 -14.78 19.24
CA TRP B 108 15.40 -13.62 19.55
C TRP B 108 14.39 -13.45 18.45
N GLY B 109 13.20 -12.99 18.81
CA GLY B 109 12.23 -12.51 17.83
C GLY B 109 12.74 -11.41 16.89
N GLN B 110 12.13 -11.34 15.70
CA GLN B 110 12.19 -10.15 14.86
C GLN B 110 11.57 -9.07 15.74
N GLY B 111 12.28 -7.98 15.97
CA GLY B 111 11.74 -6.97 16.92
C GLY B 111 10.52 -6.23 16.37
N THR B 112 9.76 -5.62 17.28
CA THR B 112 8.59 -4.84 16.95
C THR B 112 8.92 -3.38 17.22
N LEU B 113 8.93 -2.56 16.18
CA LEU B 113 9.16 -1.15 16.33
C LEU B 113 7.87 -0.49 16.78
N VAL B 114 7.89 0.08 17.98
CA VAL B 114 6.72 0.72 18.54
C VAL B 114 6.97 2.23 18.65
N THR B 115 6.14 3.02 17.97
CA THR B 115 6.21 4.48 17.97
C THR B 115 5.06 4.99 18.86
N VAL B 116 5.37 5.84 19.83
CA VAL B 116 4.34 6.40 20.73
C VAL B 116 4.12 7.85 20.30
N SER B 117 2.93 8.14 19.79
CA SER B 117 2.60 9.50 19.35
C SER B 117 1.09 9.71 19.29
N ALA B 118 0.67 10.96 19.51
CA ALA B 118 -0.72 11.37 19.26
C ALA B 118 -0.89 11.99 17.86
N ALA B 119 0.14 11.92 17.00
CA ALA B 119 -0.02 12.59 15.70
C ALA B 119 -1.11 11.95 14.85
N LYS B 120 -1.73 12.74 13.97
CA LYS B 120 -2.65 12.18 13.01
C LYS B 120 -1.91 12.03 11.67
N THR B 121 -2.41 11.15 10.82
CA THR B 121 -1.86 10.93 9.49
C THR B 121 -1.88 12.23 8.68
N THR B 122 -0.73 12.54 8.09
CA THR B 122 -0.49 13.84 7.49
C THR B 122 0.38 13.59 6.27
N PRO B 123 -0.07 14.06 5.08
CA PRO B 123 0.77 13.86 3.89
C PRO B 123 2.02 14.74 3.94
N PRO B 124 3.10 14.34 3.27
CA PRO B 124 4.31 15.18 3.26
C PRO B 124 4.17 16.42 2.36
N SER B 125 4.83 17.52 2.73
CA SER B 125 5.18 18.53 1.73
C SER B 125 6.49 18.07 1.08
N VAL B 126 6.56 18.15 -0.24
CA VAL B 126 7.74 17.68 -0.97
C VAL B 126 8.35 18.87 -1.70
N TYR B 127 9.61 19.21 -1.39
CA TYR B 127 10.26 20.37 -1.99
C TYR B 127 11.53 19.97 -2.73
N PRO B 128 11.65 20.38 -3.99
CA PRO B 128 12.89 20.10 -4.74
C PRO B 128 14.04 21.00 -4.28
N LEU B 129 15.26 20.47 -4.27
CA LEU B 129 16.46 21.21 -3.87
C LEU B 129 17.37 21.27 -5.07
N ALA B 130 17.36 22.44 -5.69
CA ALA B 130 18.27 22.69 -6.79
C ALA B 130 19.42 23.53 -6.23
N PRO B 131 20.63 23.39 -6.81
CA PRO B 131 21.79 24.18 -6.40
C PRO B 131 21.47 25.67 -6.50
N GLY B 132 22.11 26.49 -5.65
CA GLY B 132 21.89 27.92 -5.68
C GLY B 132 22.33 28.51 -7.00
N SER B 133 21.80 29.68 -7.33
CA SER B 133 22.14 30.40 -8.56
C SER B 133 23.66 30.43 -8.85
N ALA B 134 24.44 30.75 -7.82
CA ALA B 134 25.88 31.03 -7.95
C ALA B 134 26.80 29.90 -7.46
N ALA B 135 26.24 28.72 -7.19
CA ALA B 135 27.05 27.60 -6.69
C ALA B 135 28.15 27.21 -7.71
N GLN B 136 29.34 26.89 -7.20
CA GLN B 136 30.52 26.51 -8.00
C GLN B 136 30.34 25.16 -8.71
N THR B 137 30.91 25.05 -9.92
CA THR B 137 30.76 23.83 -10.73
C THR B 137 31.91 22.80 -10.57
N ASN B 138 31.50 21.53 -10.59
CA ASN B 138 32.30 20.35 -10.33
C ASN B 138 31.99 19.44 -11.52
N SER B 139 32.68 18.31 -11.71
CA SER B 139 32.24 17.34 -12.72
C SER B 139 30.91 16.63 -12.31
N MET B 140 30.59 16.69 -11.02
CA MET B 140 29.36 16.12 -10.50
C MET B 140 28.48 17.22 -9.92
N VAL B 141 27.17 17.02 -9.89
CA VAL B 141 26.27 17.95 -9.26
C VAL B 141 25.33 17.17 -8.35
N THR B 142 25.13 17.69 -7.15
CA THR B 142 24.20 17.08 -6.21
C THR B 142 22.87 17.81 -6.24
N LEU B 143 21.78 17.03 -6.31
CA LEU B 143 20.43 17.56 -6.27
C LEU B 143 19.78 16.92 -5.06
N GLY B 144 18.60 17.37 -4.69
CA GLY B 144 18.00 16.87 -3.48
C GLY B 144 16.52 17.04 -3.44
N CYS B 145 15.93 16.47 -2.41
CA CYS B 145 14.49 16.51 -2.21
C CYS B 145 14.28 16.62 -0.69
N LEU B 146 13.46 17.57 -0.27
CA LEU B 146 13.18 17.72 1.15
C LEU B 146 11.74 17.30 1.40
N VAL B 147 11.55 16.37 2.32
CA VAL B 147 10.23 15.78 2.55
C VAL B 147 9.86 16.08 3.99
N LYS B 148 8.86 16.92 4.15
CA LYS B 148 8.67 17.54 5.43
C LYS B 148 7.24 17.45 5.91
N GLY B 149 7.08 17.19 7.21
CA GLY B 149 5.79 17.34 7.90
C GLY B 149 4.83 16.18 7.66
N TYR B 150 5.35 14.95 7.71
CA TYR B 150 4.48 13.81 7.52
C TYR B 150 4.35 12.90 8.74
N PHE B 151 3.28 12.12 8.74
CA PHE B 151 3.03 11.15 9.79
C PHE B 151 2.07 10.10 9.23
N PRO B 152 2.26 8.81 9.58
CA PRO B 152 3.40 8.30 10.33
C PRO B 152 4.53 7.98 9.34
N GLU B 153 5.63 7.40 9.81
CA GLU B 153 6.60 6.73 8.90
C GLU B 153 6.00 5.45 8.33
N PRO B 154 6.50 4.96 7.17
CA PRO B 154 7.57 5.52 6.35
C PRO B 154 7.06 6.32 5.15
N VAL B 155 7.95 7.08 4.51
CA VAL B 155 7.77 7.44 3.11
C VAL B 155 8.79 6.63 2.34
N THR B 156 8.62 6.51 1.03
CA THR B 156 9.65 5.93 0.20
C THR B 156 9.98 6.94 -0.87
N VAL B 157 11.27 7.25 -0.99
CA VAL B 157 11.74 8.26 -1.94
C VAL B 157 12.55 7.55 -3.01
N THR B 158 12.22 7.79 -4.27
CA THR B 158 13.00 7.22 -5.37
C THR B 158 13.29 8.33 -6.37
N TRP B 159 14.24 8.10 -7.26
CA TRP B 159 14.64 9.14 -8.20
C TRP B 159 14.45 8.60 -9.61
N ASN B 160 13.82 9.40 -10.48
CA ASN B 160 13.46 8.94 -11.84
C ASN B 160 12.72 7.57 -11.84
N SER B 161 11.72 7.45 -10.96
CA SER B 161 10.95 6.22 -10.74
C SER B 161 11.81 5.02 -10.33
N GLY B 162 12.93 5.28 -9.68
CA GLY B 162 13.84 4.20 -9.27
C GLY B 162 14.93 3.93 -10.29
N SER B 163 14.82 4.56 -11.47
CA SER B 163 15.84 4.46 -12.53
C SER B 163 17.19 5.03 -12.12
N LEU B 164 17.20 6.07 -11.27
CA LEU B 164 18.47 6.55 -10.66
C LEU B 164 18.57 5.97 -9.27
N SER B 165 19.50 5.04 -9.11
CA SER B 165 19.67 4.34 -7.85
C SER B 165 21.06 4.52 -7.27
N SER B 166 22.10 4.50 -8.11
CA SER B 166 23.46 4.77 -7.59
C SER B 166 23.61 6.28 -7.34
N GLY B 167 24.52 6.63 -6.43
CA GLY B 167 24.69 8.02 -6.01
C GLY B 167 23.52 8.62 -5.24
N VAL B 168 22.62 7.77 -4.72
CA VAL B 168 21.51 8.25 -3.88
C VAL B 168 21.82 8.11 -2.40
N HIS B 169 21.43 9.11 -1.60
CA HIS B 169 21.51 8.97 -0.16
C HIS B 169 20.18 9.47 0.37
N THR B 170 19.47 8.62 1.10
CA THR B 170 18.21 9.00 1.73
C THR B 170 18.43 8.87 3.22
N PHE B 171 18.19 9.94 3.97
CA PHE B 171 18.59 10.01 5.35
C PHE B 171 17.47 9.58 6.27
N PRO B 172 17.80 9.00 7.42
CA PRO B 172 16.73 8.64 8.34
C PRO B 172 15.89 9.86 8.65
N ALA B 173 14.61 9.62 8.81
CA ALA B 173 13.64 10.61 9.22
C ALA B 173 13.93 11.06 10.64
N VAL B 174 13.70 12.33 10.92
CA VAL B 174 13.86 12.84 12.27
C VAL B 174 12.58 13.56 12.70
N LEU B 175 12.26 13.44 13.97
CA LEU B 175 11.08 14.07 14.51
C LEU B 175 11.27 15.60 14.61
N GLN B 176 10.50 16.34 13.82
CA GLN B 176 10.47 17.80 13.89
C GLN B 176 9.10 18.18 14.44
N SER B 177 9.06 18.69 15.67
CA SER B 177 7.82 18.80 16.45
C SER B 177 7.23 17.38 16.66
N ASP B 178 6.04 17.12 16.16
CA ASP B 178 5.45 15.78 16.21
C ASP B 178 5.29 15.19 14.80
N LEU B 179 5.95 15.76 13.81
CA LEU B 179 5.90 15.25 12.44
C LEU B 179 7.30 14.87 11.95
N TYR B 180 7.40 14.04 10.93
CA TYR B 180 8.71 13.62 10.45
C TYR B 180 9.17 14.43 9.28
N THR B 181 10.50 14.46 9.12
CA THR B 181 11.10 15.16 8.02
C THR B 181 12.33 14.34 7.65
N LEU B 182 12.54 14.19 6.36
CA LEU B 182 13.76 13.63 5.87
C LEU B 182 14.15 14.35 4.58
N SER B 183 15.39 14.14 4.17
CA SER B 183 15.84 14.59 2.89
C SER B 183 16.54 13.44 2.16
N SER B 184 16.64 13.58 0.85
CA SER B 184 17.33 12.62 0.02
C SER B 184 18.16 13.41 -0.98
N SER B 185 19.34 12.90 -1.32
CA SER B 185 20.13 13.55 -2.34
C SER B 185 20.53 12.58 -3.45
N VAL B 186 20.69 13.10 -4.66
CA VAL B 186 21.25 12.29 -5.74
C VAL B 186 22.34 13.08 -6.41
N THR B 187 23.37 12.37 -6.86
CA THR B 187 24.51 12.95 -7.52
C THR B 187 24.63 12.38 -8.95
N VAL B 188 24.64 13.27 -9.95
CA VAL B 188 24.68 12.89 -11.37
C VAL B 188 25.82 13.67 -12.01
N PRO B 189 26.33 13.20 -13.19
CA PRO B 189 27.35 14.00 -13.86
C PRO B 189 26.81 15.37 -14.22
N SER B 190 27.63 16.41 -14.03
CA SER B 190 27.24 17.82 -14.31
C SER B 190 26.72 18.04 -15.73
N SER B 191 27.33 17.33 -16.69
CA SER B 191 26.91 17.41 -18.11
C SER B 191 25.47 16.96 -18.36
N THR B 192 24.94 16.11 -17.48
CA THR B 192 23.58 15.57 -17.70
C THR B 192 22.44 16.39 -17.10
N TRP B 193 22.74 17.41 -16.30
CA TRP B 193 21.64 18.20 -15.71
C TRP B 193 21.90 19.68 -15.91
N PRO B 194 20.87 20.46 -16.28
CA PRO B 194 19.46 20.10 -16.41
C PRO B 194 19.06 19.47 -17.75
N SER B 195 20.00 19.19 -18.65
CA SER B 195 19.63 18.57 -19.95
C SER B 195 18.83 17.26 -19.81
N GLU B 196 19.16 16.45 -18.80
CA GLU B 196 18.48 15.16 -18.57
C GLU B 196 17.74 15.27 -17.26
N THR B 197 16.41 15.18 -17.33
CA THR B 197 15.57 15.54 -16.21
C THR B 197 15.73 14.60 -15.02
N VAL B 198 15.61 15.19 -13.84
CA VAL B 198 15.74 14.45 -12.60
C VAL B 198 14.53 14.82 -11.75
N THR B 199 13.81 13.79 -11.31
CA THR B 199 12.55 13.95 -10.56
C THR B 199 12.56 13.06 -9.30
N CYS B 200 12.28 13.60 -8.11
CA CYS B 200 12.10 12.74 -6.93
C CYS B 200 10.64 12.30 -6.86
N ASN B 201 10.45 11.02 -6.52
CA ASN B 201 9.12 10.42 -6.40
C ASN B 201 8.98 10.06 -4.92
N VAL B 202 7.94 10.56 -4.29
CA VAL B 202 7.80 10.39 -2.85
C VAL B 202 6.44 9.74 -2.61
N ALA B 203 6.46 8.51 -2.10
CA ALA B 203 5.21 7.81 -1.74
C ALA B 203 5.01 7.78 -0.23
N HIS B 204 3.78 8.01 0.22
CA HIS B 204 3.42 7.87 1.63
C HIS B 204 2.13 7.05 1.70
N PRO B 205 2.31 5.72 1.85
CA PRO B 205 1.20 4.78 1.81
C PRO B 205 0.08 5.14 2.79
N ALA B 206 0.40 5.58 4.01
CA ALA B 206 -0.65 5.86 5.01
C ALA B 206 -1.62 7.00 4.62
N SER B 207 -1.17 7.95 3.80
CA SER B 207 -2.07 9.00 3.32
C SER B 207 -2.42 8.78 1.84
N SER B 208 -1.98 7.67 1.27
CA SER B 208 -2.24 7.34 -0.15
C SER B 208 -1.76 8.43 -1.12
N THR B 209 -0.63 9.06 -0.81
CA THR B 209 -0.16 10.12 -1.67
C THR B 209 1.08 9.66 -2.40
N LYS B 210 1.18 10.10 -3.63
CA LYS B 210 2.29 9.80 -4.51
C LYS B 210 2.56 11.10 -5.25
N VAL B 211 3.72 11.69 -4.99
CA VAL B 211 4.03 13.00 -5.53
C VAL B 211 5.36 12.94 -6.26
N ASP B 212 5.39 13.54 -7.44
CA ASP B 212 6.63 13.73 -8.19
C ASP B 212 6.99 15.22 -8.24
N LYS B 213 8.27 15.51 -8.08
CA LYS B 213 8.76 16.87 -8.12
C LYS B 213 10.00 16.86 -8.97
N LYS B 214 9.93 17.56 -10.09
CA LYS B 214 11.07 17.69 -10.98
C LYS B 214 12.03 18.71 -10.35
N ILE B 215 13.32 18.42 -10.35
CA ILE B 215 14.29 19.40 -9.91
C ILE B 215 14.61 20.35 -11.08
N VAL B 216 14.20 21.60 -10.96
CA VAL B 216 14.46 22.59 -12.03
C VAL B 216 15.49 23.62 -11.59
N PRO B 217 16.37 24.05 -12.50
CA PRO B 217 17.20 25.23 -12.20
C PRO B 217 16.35 26.38 -11.62
N ARG B 218 16.91 27.11 -10.65
CA ARG B 218 16.19 28.22 -9.97
C ARG B 218 16.03 29.48 -10.83
N ASP C 1 -9.11 16.51 -26.08
CA ASP C 1 -10.46 15.98 -26.40
C ASP C 1 -11.52 16.62 -25.50
N ILE C 2 -12.77 16.61 -25.98
CA ILE C 2 -13.87 17.23 -25.26
C ILE C 2 -14.24 16.34 -24.08
N LEU C 3 -14.08 16.86 -22.88
CA LEU C 3 -14.50 16.15 -21.70
C LEU C 3 -16.01 16.32 -21.55
N MET C 4 -16.71 15.22 -21.32
CA MET C 4 -18.15 15.22 -21.03
C MET C 4 -18.34 14.78 -19.60
N ASN C 5 -18.84 15.65 -18.74
CA ASN C 5 -19.17 15.23 -17.39
C ASN C 5 -20.63 15.29 -17.13
N GLN C 6 -21.11 14.21 -16.55
CA GLN C 6 -22.52 14.04 -16.30
C GLN C 6 -22.71 14.25 -14.84
N THR C 7 -23.88 14.78 -14.49
CA THR C 7 -24.22 14.98 -13.11
C THR C 7 -25.71 14.73 -12.97
N PRO C 8 -26.12 14.12 -11.84
CA PRO C 8 -25.23 13.67 -10.77
C PRO C 8 -24.58 12.34 -11.18
N LEU C 9 -23.74 11.75 -10.33
CA LEU C 9 -23.21 10.42 -10.61
C LEU C 9 -24.33 9.36 -10.49
N SER C 10 -25.17 9.51 -9.48
CA SER C 10 -26.35 8.68 -9.40
C SER C 10 -27.57 9.44 -8.88
N LEU C 11 -28.73 9.11 -9.42
CA LEU C 11 -29.95 9.83 -9.13
C LEU C 11 -30.96 8.88 -8.54
N PRO C 12 -31.17 8.96 -7.21
CA PRO C 12 -32.19 8.12 -6.60
C PRO C 12 -33.56 8.70 -6.95
N VAL C 13 -34.49 7.84 -7.36
CA VAL C 13 -35.83 8.29 -7.71
C VAL C 13 -36.87 7.30 -7.21
N SER C 14 -38.06 7.80 -6.93
CA SER C 14 -39.24 6.97 -6.82
C SER C 14 -39.88 6.84 -8.20
N LEU C 15 -40.53 5.70 -8.46
CA LEU C 15 -41.36 5.56 -9.66
C LEU C 15 -42.39 6.71 -9.74
N GLY C 16 -42.49 7.37 -10.89
CA GLY C 16 -43.44 8.47 -10.99
C GLY C 16 -42.84 9.84 -10.77
N ASP C 17 -41.61 9.89 -10.19
CA ASP C 17 -40.85 11.14 -10.05
C ASP C 17 -40.38 11.66 -11.41
N GLN C 18 -40.24 12.98 -11.48
CA GLN C 18 -39.58 13.65 -12.57
C GLN C 18 -38.07 13.46 -12.39
N ALA C 19 -37.34 13.18 -13.45
CA ALA C 19 -35.89 13.04 -13.31
C ALA C 19 -35.23 13.92 -14.34
N SER C 20 -34.12 14.52 -13.95
CA SER C 20 -33.37 15.40 -14.82
C SER C 20 -31.88 15.13 -14.62
N ILE C 21 -31.19 14.81 -15.71
CA ILE C 21 -29.75 14.59 -15.61
C ILE C 21 -29.04 15.49 -16.61
N SER C 22 -27.86 15.97 -16.23
CA SER C 22 -27.13 16.96 -17.03
C SER C 22 -25.88 16.39 -17.64
N CYS C 23 -25.54 16.90 -18.81
CA CYS C 23 -24.27 16.63 -19.44
C CYS C 23 -23.62 17.97 -19.76
N ARG C 24 -22.40 18.18 -19.28
CA ARG C 24 -21.68 19.43 -19.48
C ARG C 24 -20.47 19.08 -20.36
N SER C 25 -20.27 19.79 -21.46
CA SER C 25 -19.09 19.55 -22.30
C SER C 25 -18.03 20.61 -22.06
N SER C 26 -16.76 20.25 -22.25
CA SER C 26 -15.66 21.21 -22.11
C SER C 26 -15.54 22.18 -23.29
N GLN C 27 -16.13 21.81 -24.44
CA GLN C 27 -16.21 22.67 -25.62
C GLN C 27 -17.68 22.89 -26.04
N TYR C 28 -17.95 24.03 -26.69
CA TYR C 28 -19.22 24.25 -27.36
C TYR C 28 -19.46 23.13 -28.41
N ILE C 29 -20.63 22.49 -28.37
CA ILE C 29 -20.95 21.43 -29.31
C ILE C 29 -21.46 22.07 -30.63
N VAL C 30 -20.54 22.26 -31.57
CA VAL C 30 -20.79 22.99 -32.84
C VAL C 30 -21.54 22.08 -33.77
N HIS C 31 -22.38 22.66 -34.63
CA HIS C 31 -23.07 21.93 -35.68
C HIS C 31 -22.03 21.34 -36.63
N ARG C 32 -22.40 20.27 -37.33
CA ARG C 32 -21.61 19.75 -38.47
C ARG C 32 -22.63 19.60 -39.57
N ASN C 33 -22.44 20.28 -40.69
CA ASN C 33 -23.50 20.44 -41.72
C ASN C 33 -24.90 20.74 -41.19
N GLY C 34 -25.00 21.55 -40.15
CA GLY C 34 -26.29 21.98 -39.64
C GLY C 34 -26.91 21.08 -38.59
N ASN C 35 -26.22 19.98 -38.24
CA ASN C 35 -26.72 19.02 -37.25
C ASN C 35 -25.88 19.08 -35.95
N THR C 36 -26.54 19.21 -34.81
CA THR C 36 -25.86 19.18 -33.52
C THR C 36 -25.88 17.73 -33.00
N TYR C 37 -24.73 17.06 -33.03
CA TYR C 37 -24.70 15.64 -32.67
C TYR C 37 -24.45 15.41 -31.18
N LEU C 38 -25.52 15.40 -30.42
CA LEU C 38 -25.49 15.08 -28.99
C LEU C 38 -26.59 14.04 -28.75
N GLU C 39 -26.20 12.86 -28.26
CA GLU C 39 -27.06 11.66 -28.19
C GLU C 39 -27.10 11.19 -26.75
N TRP C 40 -28.23 10.60 -26.33
CA TRP C 40 -28.30 9.95 -25.04
C TRP C 40 -28.61 8.46 -25.17
N TYR C 41 -27.90 7.64 -24.40
CA TYR C 41 -28.05 6.19 -24.33
C TYR C 41 -28.46 5.75 -22.95
N LEU C 42 -29.28 4.68 -22.89
CA LEU C 42 -29.56 4.01 -21.67
C LEU C 42 -29.06 2.57 -21.77
N GLN C 43 -28.37 2.14 -20.73
CA GLN C 43 -27.88 0.78 -20.63
C GLN C 43 -28.35 0.19 -19.33
N LYS C 44 -28.97 -0.97 -19.46
CA LYS C 44 -29.40 -1.76 -18.32
C LYS C 44 -28.45 -2.94 -18.17
N PRO C 45 -28.34 -3.51 -16.94
CA PRO C 45 -27.37 -4.58 -16.67
C PRO C 45 -27.45 -5.78 -17.64
N GLY C 46 -26.29 -6.14 -18.21
CA GLY C 46 -26.16 -7.26 -19.14
C GLY C 46 -26.59 -6.99 -20.57
N GLN C 47 -27.05 -5.77 -20.85
CA GLN C 47 -27.53 -5.43 -22.19
C GLN C 47 -26.58 -4.42 -22.81
N SER C 48 -26.69 -4.26 -24.12
CA SER C 48 -26.02 -3.20 -24.83
C SER C 48 -26.65 -1.84 -24.50
N PRO C 49 -25.90 -0.75 -24.72
CA PRO C 49 -26.52 0.57 -24.60
C PRO C 49 -27.56 0.76 -25.70
N LYS C 50 -28.65 1.46 -25.39
CA LYS C 50 -29.70 1.74 -26.37
C LYS C 50 -29.94 3.24 -26.53
N LEU C 51 -30.03 3.68 -27.79
CA LEU C 51 -30.24 5.09 -28.09
C LEU C 51 -31.60 5.59 -27.63
N LEU C 52 -31.65 6.68 -26.91
CA LEU C 52 -32.95 7.28 -26.57
C LEU C 52 -33.25 8.57 -27.31
N ILE C 53 -32.28 9.48 -27.33
CA ILE C 53 -32.46 10.83 -27.89
C ILE C 53 -31.27 11.08 -28.82
N TYR C 54 -31.51 11.58 -30.03
CA TYR C 54 -30.40 11.92 -30.94
C TYR C 54 -30.60 13.37 -31.39
N LYS C 55 -29.55 14.00 -31.90
CA LYS C 55 -29.58 15.42 -32.26
C LYS C 55 -30.25 16.28 -31.20
N VAL C 56 -29.81 16.10 -29.95
CA VAL C 56 -30.18 16.91 -28.79
C VAL C 56 -31.56 16.64 -28.24
N SER C 57 -32.58 16.62 -29.09
CA SER C 57 -33.96 16.44 -28.58
C SER C 57 -34.88 15.53 -29.41
N ASN C 58 -34.34 14.81 -30.40
CA ASN C 58 -35.20 13.94 -31.20
C ASN C 58 -35.30 12.55 -30.57
N ARG C 59 -36.53 12.09 -30.33
CA ARG C 59 -36.75 10.72 -29.81
C ARG C 59 -36.48 9.67 -30.86
N PHE C 60 -35.64 8.70 -30.51
CA PHE C 60 -35.36 7.57 -31.40
C PHE C 60 -36.66 6.79 -31.54
N SER C 61 -36.89 6.12 -32.68
CA SER C 61 -38.15 5.37 -32.79
C SER C 61 -38.28 4.27 -31.73
N GLY C 62 -39.50 4.13 -31.23
CA GLY C 62 -39.77 3.20 -30.16
C GLY C 62 -39.66 3.83 -28.79
N VAL C 63 -39.13 5.05 -28.68
CA VAL C 63 -38.89 5.68 -27.37
C VAL C 63 -40.14 6.45 -26.88
N PRO C 64 -40.60 6.21 -25.63
CA PRO C 64 -41.86 6.86 -25.21
C PRO C 64 -41.76 8.39 -24.96
N ASP C 65 -42.92 9.05 -24.91
CA ASP C 65 -43.02 10.52 -24.79
C ASP C 65 -42.43 11.09 -23.50
N ARG C 66 -42.37 10.28 -22.46
CA ARG C 66 -41.82 10.75 -21.18
C ARG C 66 -40.32 11.12 -21.23
N PHE C 67 -39.60 10.69 -22.28
CA PHE C 67 -38.21 11.10 -22.48
C PHE C 67 -38.14 12.37 -23.32
N SER C 68 -37.30 13.31 -22.89
CA SER C 68 -36.98 14.47 -23.71
C SER C 68 -35.57 14.99 -23.43
N GLY C 69 -34.94 15.51 -24.47
CA GLY C 69 -33.63 16.15 -24.35
C GLY C 69 -33.74 17.64 -24.69
N SER C 70 -32.85 18.45 -24.12
CA SER C 70 -32.78 19.87 -24.44
C SER C 70 -31.35 20.38 -24.19
N GLY C 71 -31.16 21.67 -24.45
CA GLY C 71 -29.91 22.36 -24.18
C GLY C 71 -29.17 22.74 -25.45
N SER C 72 -28.03 23.41 -25.29
CA SER C 72 -27.18 23.82 -26.40
C SER C 72 -25.84 24.25 -25.88
N GLY C 73 -24.87 24.34 -26.78
CA GLY C 73 -23.56 24.86 -26.43
C GLY C 73 -22.79 23.85 -25.62
N THR C 74 -22.77 24.05 -24.31
CA THR C 74 -21.97 23.21 -23.41
C THR C 74 -22.84 22.47 -22.37
N ASP C 75 -24.12 22.79 -22.34
CA ASP C 75 -25.05 22.33 -21.33
C ASP C 75 -26.23 21.58 -21.96
N PHE C 76 -26.36 20.31 -21.62
CA PHE C 76 -27.46 19.49 -22.12
C PHE C 76 -28.16 18.74 -21.00
N THR C 77 -29.44 18.49 -21.21
CA THR C 77 -30.29 17.87 -20.21
C THR C 77 -31.16 16.78 -20.81
N LEU C 78 -31.23 15.66 -20.09
CA LEU C 78 -32.24 14.62 -20.34
C LEU C 78 -33.25 14.65 -19.22
N LYS C 79 -34.52 14.72 -19.60
CA LYS C 79 -35.62 14.65 -18.64
C LYS C 79 -36.51 13.44 -18.88
N ILE C 80 -37.02 12.90 -17.77
CA ILE C 80 -38.07 11.91 -17.77
C ILE C 80 -39.23 12.50 -16.96
N SER C 81 -40.38 12.73 -17.58
CA SER C 81 -41.50 13.35 -16.85
C SER C 81 -41.93 12.49 -15.64
N ARG C 82 -42.12 11.19 -15.85
CA ARG C 82 -42.46 10.27 -14.75
C ARG C 82 -41.74 8.94 -14.93
N VAL C 83 -40.88 8.61 -13.97
CA VAL C 83 -39.95 7.47 -14.12
C VAL C 83 -40.71 6.14 -14.02
N GLU C 84 -40.42 5.22 -14.93
CA GLU C 84 -40.97 3.85 -14.85
C GLU C 84 -39.81 2.88 -14.55
N ALA C 85 -40.14 1.68 -14.06
CA ALA C 85 -39.11 0.71 -13.71
C ALA C 85 -38.18 0.39 -14.91
N GLU C 86 -38.72 0.31 -16.12
CA GLU C 86 -37.89 0.07 -17.34
C GLU C 86 -36.94 1.24 -17.71
N ASP C 87 -37.08 2.38 -17.04
CA ASP C 87 -36.12 3.47 -17.18
C ASP C 87 -34.87 3.40 -16.27
N LEU C 88 -34.85 2.50 -15.29
CA LEU C 88 -33.71 2.41 -14.40
C LEU C 88 -32.48 1.81 -15.12
N GLY C 89 -31.30 2.34 -14.83
CA GLY C 89 -30.06 1.92 -15.52
C GLY C 89 -29.11 3.10 -15.60
N VAL C 90 -28.13 2.98 -16.48
CA VAL C 90 -27.09 3.99 -16.63
C VAL C 90 -27.28 4.78 -17.93
N TYR C 91 -27.30 6.10 -17.81
CA TYR C 91 -27.49 7.01 -18.94
C TYR C 91 -26.15 7.64 -19.34
N TYR C 92 -25.82 7.62 -20.63
CA TYR C 92 -24.58 8.19 -21.13
C TYR C 92 -24.93 9.24 -22.17
N CYS C 93 -24.33 10.42 -22.08
CA CYS C 93 -24.41 11.36 -23.19
C CYS C 93 -23.26 11.05 -24.13
N PHE C 94 -23.37 11.52 -25.36
CA PHE C 94 -22.40 11.21 -26.39
C PHE C 94 -22.35 12.39 -27.34
N GLN C 95 -21.15 12.90 -27.62
CA GLN C 95 -21.01 14.00 -28.59
C GLN C 95 -20.36 13.47 -29.86
N GLY C 96 -20.97 13.79 -31.00
CA GLY C 96 -20.41 13.42 -32.30
C GLY C 96 -20.00 14.63 -33.11
N SER C 97 -19.65 15.70 -32.41
CA SER C 97 -19.31 16.97 -33.05
C SER C 97 -17.80 17.11 -33.25
N HIS C 98 -17.01 16.85 -32.20
CA HIS C 98 -15.54 17.01 -32.24
C HIS C 98 -14.87 15.64 -32.20
N VAL C 99 -14.10 15.29 -33.24
CA VAL C 99 -13.27 14.07 -33.23
C VAL C 99 -12.08 14.22 -32.25
N PRO C 100 -11.81 13.19 -31.41
CA PRO C 100 -12.56 11.93 -31.26
C PRO C 100 -13.86 12.08 -30.48
N TYR C 101 -14.87 11.33 -30.90
CA TYR C 101 -16.16 11.41 -30.22
C TYR C 101 -15.99 10.80 -28.82
N THR C 102 -16.76 11.29 -27.86
CA THR C 102 -16.53 10.96 -26.45
C THR C 102 -17.88 10.79 -25.76
N PHE C 103 -17.88 9.90 -24.77
CA PHE C 103 -19.03 9.60 -23.93
C PHE C 103 -18.86 10.29 -22.60
N GLY C 104 -19.96 10.58 -21.92
CA GLY C 104 -19.87 11.06 -20.55
C GLY C 104 -19.61 9.81 -19.72
N GLY C 105 -19.31 10.00 -18.44
CA GLY C 105 -18.96 8.88 -17.52
C GLY C 105 -20.15 8.11 -16.99
N GLY C 106 -21.36 8.58 -17.27
CA GLY C 106 -22.54 7.83 -16.83
C GLY C 106 -23.25 8.38 -15.62
N THR C 107 -24.57 8.34 -15.66
CA THR C 107 -25.40 8.69 -14.53
C THR C 107 -26.31 7.50 -14.31
N LYS C 108 -26.20 6.90 -13.12
CA LYS C 108 -27.10 5.84 -12.72
C LYS C 108 -28.44 6.41 -12.21
N LEU C 109 -29.54 5.95 -12.80
CA LEU C 109 -30.88 6.21 -12.26
C LEU C 109 -31.23 5.00 -11.42
N GLU C 110 -31.45 5.21 -10.13
CA GLU C 110 -31.66 4.10 -9.22
C GLU C 110 -32.92 4.29 -8.40
N LEU C 111 -33.43 3.16 -7.92
CA LEU C 111 -34.67 3.16 -7.18
C LEU C 111 -34.39 3.56 -5.73
N LYS C 112 -35.12 4.56 -5.25
CA LYS C 112 -35.09 4.99 -3.87
C LYS C 112 -35.76 3.94 -2.98
N ARG C 113 -35.32 3.83 -1.74
CA ARG C 113 -35.97 3.03 -0.69
C ARG C 113 -35.55 3.65 0.62
N ALA C 114 -36.03 3.13 1.75
CA ALA C 114 -35.65 3.65 3.06
C ALA C 114 -34.19 3.30 3.36
N ASP C 115 -33.53 4.18 4.12
CA ASP C 115 -32.16 3.99 4.53
C ASP C 115 -32.03 2.69 5.33
N ALA C 116 -30.96 1.95 5.08
CA ALA C 116 -30.71 0.67 5.75
C ALA C 116 -29.23 0.54 6.08
N ALA C 117 -28.94 0.25 7.36
CA ALA C 117 -27.60 0.08 7.87
C ALA C 117 -26.97 -1.22 7.35
N PRO C 118 -25.68 -1.22 7.02
CA PRO C 118 -25.06 -2.48 6.58
C PRO C 118 -24.99 -3.52 7.73
N THR C 119 -25.12 -4.79 7.37
CA THR C 119 -24.73 -5.84 8.30
C THR C 119 -23.23 -6.10 8.02
N VAL C 120 -22.40 -5.90 9.04
CA VAL C 120 -20.94 -6.09 8.88
C VAL C 120 -20.48 -7.41 9.52
N SER C 121 -19.63 -8.12 8.78
CA SER C 121 -19.09 -9.41 9.20
C SER C 121 -17.63 -9.49 8.78
N ILE C 122 -16.74 -9.85 9.69
CA ILE C 122 -15.30 -9.99 9.35
C ILE C 122 -14.87 -11.46 9.54
N PHE C 123 -13.97 -11.94 8.68
CA PHE C 123 -13.54 -13.33 8.67
C PHE C 123 -12.02 -13.40 8.60
N PRO C 124 -11.40 -14.10 9.58
CA PRO C 124 -9.97 -14.41 9.51
C PRO C 124 -9.70 -15.34 8.36
N PRO C 125 -8.45 -15.40 7.90
CA PRO C 125 -8.08 -16.41 6.91
C PRO C 125 -8.44 -17.78 7.46
N SER C 126 -8.86 -18.70 6.59
CA SER C 126 -9.05 -20.08 6.99
C SER C 126 -7.68 -20.73 7.21
N SER C 127 -7.62 -21.73 8.09
CA SER C 127 -6.36 -22.44 8.31
C SER C 127 -5.97 -23.19 7.04
N GLU C 128 -6.95 -23.49 6.20
CA GLU C 128 -6.69 -24.08 4.90
C GLU C 128 -5.87 -23.13 4.03
N GLN C 129 -6.29 -21.87 3.94
CA GLN C 129 -5.54 -20.85 3.19
C GLN C 129 -4.15 -20.62 3.78
N LEU C 130 -4.08 -20.50 5.09
CA LEU C 130 -2.82 -20.34 5.78
C LEU C 130 -1.78 -21.43 5.45
N THR C 131 -2.20 -22.69 5.42
CA THR C 131 -1.33 -23.83 5.08
C THR C 131 -0.60 -23.67 3.73
N SER C 132 -1.23 -22.97 2.79
CA SER C 132 -0.69 -22.82 1.42
C SER C 132 0.24 -21.62 1.21
N GLY C 133 0.25 -20.69 2.21
CA GLY C 133 1.13 -19.51 2.18
C GLY C 133 0.45 -18.15 2.12
N GLY C 134 -0.89 -18.16 2.03
CA GLY C 134 -1.66 -16.95 1.81
C GLY C 134 -2.48 -16.53 3.01
N ALA C 135 -2.97 -15.29 2.99
CA ALA C 135 -3.81 -14.79 4.07
C ALA C 135 -4.69 -13.67 3.53
N SER C 136 -5.97 -13.97 3.34
CA SER C 136 -6.92 -12.95 2.93
C SER C 136 -7.86 -12.72 4.11
N VAL C 137 -8.00 -11.47 4.52
CA VAL C 137 -8.96 -11.14 5.55
C VAL C 137 -10.15 -10.57 4.79
N VAL C 138 -11.36 -11.05 5.10
CA VAL C 138 -12.53 -10.64 4.31
C VAL C 138 -13.57 -9.98 5.21
N CYS C 139 -14.13 -8.88 4.71
CA CYS C 139 -15.24 -8.19 5.32
C CYS C 139 -16.39 -8.14 4.34
N PHE C 140 -17.59 -8.49 4.80
CA PHE C 140 -18.81 -8.22 4.02
C PHE C 140 -19.63 -7.15 4.72
N LEU C 141 -20.20 -6.26 3.92
CA LEU C 141 -21.11 -5.22 4.39
C LEU C 141 -22.34 -5.42 3.53
N ASN C 142 -23.40 -5.96 4.12
CA ASN C 142 -24.51 -6.44 3.32
C ASN C 142 -25.79 -5.66 3.53
N ASN C 143 -26.53 -5.48 2.46
CA ASN C 143 -27.92 -4.96 2.49
C ASN C 143 -28.01 -3.56 3.05
N PHE C 144 -27.25 -2.64 2.48
CA PHE C 144 -27.30 -1.28 2.99
C PHE C 144 -27.90 -0.34 1.94
N TYR C 145 -28.44 0.79 2.40
CA TYR C 145 -28.90 1.84 1.49
C TYR C 145 -28.78 3.18 2.21
N PRO C 146 -28.28 4.24 1.53
CA PRO C 146 -27.86 4.36 0.12
C PRO C 146 -26.49 3.76 -0.14
N LYS C 147 -26.03 3.86 -1.38
CA LYS C 147 -24.78 3.23 -1.84
C LYS C 147 -23.53 3.78 -1.14
N ASP C 148 -23.56 5.09 -0.84
CA ASP C 148 -22.45 5.82 -0.20
C ASP C 148 -22.04 5.15 1.12
N ILE C 149 -20.80 4.68 1.20
CA ILE C 149 -20.33 3.98 2.41
C ILE C 149 -18.79 4.02 2.44
N ASN C 150 -18.23 4.22 3.61
CA ASN C 150 -16.77 4.19 3.74
C ASN C 150 -16.31 3.01 4.58
N VAL C 151 -15.41 2.21 4.01
CA VAL C 151 -14.84 1.08 4.72
C VAL C 151 -13.38 1.37 5.04
N LYS C 152 -13.04 1.15 6.31
CA LYS C 152 -11.73 1.40 6.86
C LYS C 152 -11.22 0.09 7.47
N TRP C 153 -9.99 -0.28 7.13
CA TRP C 153 -9.30 -1.38 7.77
C TRP C 153 -8.33 -0.88 8.82
N LYS C 154 -8.35 -1.53 9.96
CA LYS C 154 -7.41 -1.21 11.01
C LYS C 154 -6.68 -2.48 11.48
N ILE C 155 -5.37 -2.37 11.59
CA ILE C 155 -4.54 -3.48 12.03
C ILE C 155 -3.77 -2.97 13.24
N ASP C 156 -4.00 -3.61 14.40
CA ASP C 156 -3.50 -3.13 15.70
C ASP C 156 -3.63 -1.62 15.87
N GLY C 157 -4.81 -1.11 15.54
CA GLY C 157 -5.12 0.30 15.81
C GLY C 157 -4.69 1.29 14.73
N SER C 158 -3.94 0.84 13.72
CA SER C 158 -3.49 1.69 12.61
C SER C 158 -4.30 1.43 11.35
N GLU C 159 -4.81 2.48 10.72
CA GLU C 159 -5.48 2.33 9.42
C GLU C 159 -4.56 1.65 8.40
N ARG C 160 -5.13 0.72 7.65
CA ARG C 160 -4.41 0.03 6.60
C ARG C 160 -5.07 0.38 5.26
N GLN C 161 -4.29 0.91 4.32
CA GLN C 161 -4.85 1.26 3.02
C GLN C 161 -4.44 0.29 1.91
N ASN C 162 -3.17 -0.08 1.87
CA ASN C 162 -2.64 -0.94 0.81
C ASN C 162 -3.04 -2.43 0.97
N GLY C 163 -3.28 -3.10 -0.16
CA GLY C 163 -3.71 -4.49 -0.18
C GLY C 163 -5.22 -4.67 -0.05
N VAL C 164 -5.98 -3.57 -0.11
CA VAL C 164 -7.43 -3.60 0.10
C VAL C 164 -8.14 -3.51 -1.24
N LEU C 165 -8.95 -4.51 -1.56
CA LEU C 165 -9.80 -4.46 -2.77
C LEU C 165 -11.26 -4.62 -2.40
N ASN C 166 -12.07 -3.71 -2.94
CA ASN C 166 -13.51 -3.72 -2.71
C ASN C 166 -14.28 -4.23 -3.91
N SER C 167 -15.38 -4.92 -3.65
CA SER C 167 -16.20 -5.44 -4.71
C SER C 167 -17.68 -5.28 -4.39
N TRP C 168 -18.42 -4.73 -5.35
CA TRP C 168 -19.81 -4.29 -5.17
C TRP C 168 -20.80 -5.15 -5.95
N THR C 169 -21.94 -5.48 -5.34
CA THR C 169 -23.08 -5.98 -6.11
C THR C 169 -23.82 -4.78 -6.75
N ASP C 170 -24.58 -5.05 -7.82
CA ASP C 170 -25.51 -4.07 -8.38
C ASP C 170 -26.66 -3.90 -7.38
N GLN C 171 -27.43 -2.81 -7.50
CA GLN C 171 -28.61 -2.66 -6.65
C GLN C 171 -29.50 -3.88 -6.82
N ASP C 172 -29.87 -4.48 -5.70
CA ASP C 172 -30.65 -5.69 -5.75
C ASP C 172 -32.04 -5.43 -6.36
N SER C 173 -32.40 -6.27 -7.32
CA SER C 173 -33.64 -6.07 -8.10
C SER C 173 -34.91 -6.15 -7.25
N LYS C 174 -34.82 -6.68 -6.04
CA LYS C 174 -36.00 -6.80 -5.18
C LYS C 174 -35.90 -6.00 -3.85
N ASP C 175 -34.74 -6.08 -3.17
CA ASP C 175 -34.41 -5.34 -1.91
C ASP C 175 -34.24 -3.83 -2.17
N SER C 176 -33.74 -3.51 -3.36
CA SER C 176 -33.14 -2.20 -3.66
C SER C 176 -31.92 -1.85 -2.80
N THR C 177 -31.36 -2.82 -2.09
CA THR C 177 -30.18 -2.55 -1.29
C THR C 177 -28.90 -2.89 -2.05
N TYR C 178 -27.78 -2.41 -1.49
CA TYR C 178 -26.44 -2.72 -1.99
C TYR C 178 -25.71 -3.61 -1.00
N SER C 179 -24.69 -4.32 -1.49
CA SER C 179 -23.83 -5.12 -0.65
C SER C 179 -22.43 -5.03 -1.26
N MET C 180 -21.42 -5.21 -0.41
CA MET C 180 -20.05 -5.06 -0.82
C MET C 180 -19.13 -6.00 -0.04
N SER C 181 -18.09 -6.50 -0.70
CA SER C 181 -17.04 -7.22 0.01
C SER C 181 -15.80 -6.36 0.01
N SER C 182 -15.09 -6.40 1.12
CA SER C 182 -13.79 -5.75 1.23
C SER C 182 -12.75 -6.81 1.62
N THR C 183 -11.75 -6.99 0.78
CA THR C 183 -10.75 -8.01 0.98
C THR C 183 -9.38 -7.37 1.21
N LEU C 184 -8.78 -7.73 2.32
CA LEU C 184 -7.42 -7.33 2.62
C LEU C 184 -6.49 -8.50 2.32
N THR C 185 -5.69 -8.37 1.27
CA THR C 185 -4.78 -9.44 0.89
C THR C 185 -3.38 -9.19 1.42
N LEU C 186 -2.89 -10.10 2.26
CA LEU C 186 -1.55 -10.02 2.85
C LEU C 186 -0.77 -11.32 2.62
N THR C 187 0.55 -11.30 2.76
CA THR C 187 1.30 -12.55 2.89
C THR C 187 0.98 -13.17 4.24
N LYS C 188 1.24 -14.47 4.36
CA LYS C 188 1.11 -15.14 5.63
C LYS C 188 2.08 -14.52 6.65
N ASP C 189 3.30 -14.22 6.22
CA ASP C 189 4.29 -13.53 7.05
C ASP C 189 3.76 -12.22 7.64
N GLU C 190 3.18 -11.35 6.79
CA GLU C 190 2.62 -10.08 7.25
C GLU C 190 1.47 -10.31 8.23
N TYR C 191 0.57 -11.25 7.88
CA TYR C 191 -0.59 -11.54 8.72
C TYR C 191 -0.19 -11.88 10.16
N GLU C 192 0.90 -12.66 10.27
CA GLU C 192 1.44 -13.13 11.55
C GLU C 192 2.23 -12.07 12.35
N ARG C 193 2.38 -10.86 11.78
CA ARG C 193 3.04 -9.73 12.45
C ARG C 193 2.10 -8.85 13.26
N HIS C 194 0.80 -9.11 13.14
CA HIS C 194 -0.20 -8.32 13.84
C HIS C 194 -1.23 -9.18 14.53
N ASN C 195 -1.89 -8.60 15.53
CA ASN C 195 -2.84 -9.34 16.36
C ASN C 195 -4.30 -8.99 16.08
N SER C 196 -4.61 -7.71 16.15
CA SER C 196 -5.96 -7.26 16.04
C SER C 196 -6.28 -6.76 14.61
N TYR C 197 -7.33 -7.31 14.01
CA TYR C 197 -7.82 -6.85 12.70
C TYR C 197 -9.24 -6.34 12.79
N THR C 198 -9.48 -5.16 12.22
CA THR C 198 -10.79 -4.49 12.30
C THR C 198 -11.28 -3.96 10.93
N CYS C 199 -12.56 -4.11 10.64
N CYS C 199 -12.55 -4.24 10.61
CA CYS C 199 -13.18 -3.49 9.48
CA CYS C 199 -13.34 -3.52 9.59
C CYS C 199 -14.28 -2.56 9.99
C CYS C 199 -14.05 -2.42 10.31
N GLU C 200 -14.13 -1.27 9.67
CA GLU C 200 -15.01 -0.19 10.15
C GLU C 200 -15.77 0.42 9.00
N ALA C 201 -17.10 0.47 9.14
CA ALA C 201 -17.97 0.96 8.08
C ALA C 201 -18.66 2.20 8.56
N THR C 202 -18.53 3.28 7.78
CA THR C 202 -19.21 4.53 8.06
C THR C 202 -20.30 4.71 7.03
N HIS C 203 -21.50 4.99 7.52
CA HIS C 203 -22.71 5.02 6.74
C HIS C 203 -23.71 5.96 7.40
N LYS C 204 -24.49 6.66 6.57
CA LYS C 204 -25.35 7.74 7.07
C LYS C 204 -26.37 7.28 8.11
N THR C 205 -26.70 6.00 8.09
CA THR C 205 -27.64 5.40 9.06
C THR C 205 -27.16 5.49 10.53
N SER C 206 -25.87 5.74 10.73
CA SER C 206 -25.30 5.77 12.05
C SER C 206 -24.32 6.94 12.21
N THR C 207 -24.31 7.56 13.39
CA THR C 207 -23.44 8.70 13.68
C THR C 207 -22.02 8.24 14.04
N SER C 208 -21.93 6.91 14.36
CA SER C 208 -20.64 6.25 14.56
C SER C 208 -20.43 5.08 13.58
N PRO C 209 -19.16 4.72 13.32
CA PRO C 209 -18.88 3.56 12.48
C PRO C 209 -19.37 2.27 13.13
N ILE C 210 -19.69 1.29 12.29
CA ILE C 210 -19.94 -0.06 12.74
C ILE C 210 -18.60 -0.80 12.69
N VAL C 211 -18.23 -1.39 13.82
CA VAL C 211 -16.88 -1.95 14.02
C VAL C 211 -17.01 -3.43 14.24
N LYS C 212 -16.34 -4.22 13.42
CA LYS C 212 -16.22 -5.64 13.67
C LYS C 212 -14.76 -6.01 13.63
N SER C 213 -14.34 -6.87 14.54
CA SER C 213 -12.94 -7.27 14.57
C SER C 213 -12.71 -8.68 15.12
N PHE C 214 -11.46 -9.12 15.02
CA PHE C 214 -11.01 -10.34 15.63
C PHE C 214 -9.58 -10.14 16.09
N ASN C 215 -9.13 -10.98 17.01
CA ASN C 215 -7.76 -10.97 17.48
C ASN C 215 -7.11 -12.34 17.24
N ARG C 216 -6.00 -12.38 16.54
CA ARG C 216 -5.24 -13.60 16.33
C ARG C 216 -4.85 -14.34 17.62
N ASN C 217 -4.79 -13.66 18.77
CA ASN C 217 -4.58 -14.32 20.08
C ASN C 217 -5.64 -15.35 20.38
N GLU C 218 -6.87 -15.11 19.91
CA GLU C 218 -7.93 -16.10 20.00
C GLU C 218 -7.86 -17.02 18.78
N PCA D 1 -34.39 -5.18 -29.70
CA PCA D 1 -34.17 -4.65 -31.03
CB PCA D 1 -33.42 -3.33 -30.82
CG PCA D 1 -33.21 -3.20 -29.30
CD PCA D 1 -33.79 -4.48 -28.75
OE PCA D 1 -33.71 -4.81 -27.57
C PCA D 1 -33.32 -5.58 -31.88
O PCA D 1 -32.64 -6.48 -31.35
N VAL D 2 -33.39 -5.39 -33.18
CA VAL D 2 -32.52 -6.09 -34.11
C VAL D 2 -31.07 -5.70 -33.82
N GLN D 3 -30.17 -6.68 -33.88
CA GLN D 3 -28.75 -6.46 -33.67
C GLN D 3 -27.93 -6.88 -34.89
N LEU D 4 -26.79 -6.23 -35.07
CA LEU D 4 -25.83 -6.65 -36.11
C LEU D 4 -25.05 -7.82 -35.59
N LYS D 5 -24.74 -8.78 -36.45
CA LYS D 5 -23.92 -9.90 -36.02
C LYS D 5 -22.45 -9.52 -36.00
N GLU D 6 -21.78 -9.91 -34.92
CA GLU D 6 -20.35 -9.75 -34.75
C GLU D 6 -19.71 -11.11 -34.56
N SER D 7 -18.49 -11.27 -35.06
CA SER D 7 -17.68 -12.45 -34.75
C SER D 7 -16.22 -12.06 -34.52
N GLY D 8 -15.64 -12.66 -33.49
CA GLY D 8 -14.23 -12.46 -33.15
C GLY D 8 -13.84 -13.38 -32.01
N PRO D 9 -12.53 -13.42 -31.66
CA PRO D 9 -12.06 -14.29 -30.58
C PRO D 9 -12.55 -13.79 -29.21
N GLY D 10 -12.74 -14.73 -28.29
CA GLY D 10 -13.12 -14.42 -26.92
C GLY D 10 -11.91 -14.25 -26.02
N LEU D 11 -10.83 -14.95 -26.34
CA LEU D 11 -9.59 -14.86 -25.56
C LEU D 11 -8.42 -14.54 -26.47
N VAL D 12 -7.63 -13.54 -26.09
CA VAL D 12 -6.44 -13.17 -26.84
C VAL D 12 -5.25 -13.00 -25.90
N GLN D 13 -4.09 -13.44 -26.35
CA GLN D 13 -2.86 -13.27 -25.61
C GLN D 13 -2.41 -11.81 -25.64
N PRO D 14 -1.84 -11.31 -24.51
CA PRO D 14 -1.06 -10.06 -24.50
C PRO D 14 -0.11 -9.94 -25.72
N SER D 15 -0.02 -8.71 -26.25
CA SER D 15 0.81 -8.33 -27.41
C SER D 15 0.37 -8.95 -28.76
N GLN D 16 -0.68 -9.75 -28.75
CA GLN D 16 -1.26 -10.27 -29.99
C GLN D 16 -2.39 -9.37 -30.50
N SER D 17 -3.04 -9.78 -31.59
CA SER D 17 -4.01 -8.92 -32.27
C SER D 17 -5.45 -9.34 -32.01
N LEU D 18 -6.35 -8.40 -32.27
CA LEU D 18 -7.77 -8.63 -32.14
C LEU D 18 -8.42 -8.42 -33.51
N SER D 19 -9.13 -9.44 -33.99
CA SER D 19 -9.94 -9.27 -35.19
C SER D 19 -11.43 -9.49 -34.95
N ILE D 20 -12.23 -8.48 -35.27
CA ILE D 20 -13.69 -8.59 -35.21
C ILE D 20 -14.33 -8.20 -36.53
N THR D 21 -15.19 -9.07 -37.05
CA THR D 21 -16.02 -8.76 -38.21
C THR D 21 -17.48 -8.48 -37.81
N CYS D 22 -17.98 -7.33 -38.27
N CYS D 22 -17.97 -7.33 -38.24
CA CYS D 22 -19.37 -6.89 -38.12
CA CYS D 22 -19.38 -7.07 -38.19
C CYS D 22 -20.11 -7.12 -39.46
C CYS D 22 -20.00 -7.40 -39.51
N THR D 23 -21.25 -7.83 -39.44
CA THR D 23 -22.09 -7.95 -40.62
C THR D 23 -23.27 -7.01 -40.47
N VAL D 24 -23.38 -6.12 -41.44
CA VAL D 24 -24.35 -5.05 -41.48
C VAL D 24 -25.71 -5.53 -42.03
N SER D 25 -26.81 -4.91 -41.57
CA SER D 25 -28.11 -5.12 -42.20
C SER D 25 -29.06 -3.92 -42.02
N GLY D 26 -30.11 -3.87 -42.84
CA GLY D 26 -31.03 -2.74 -42.88
C GLY D 26 -30.47 -1.64 -43.76
N PHE D 27 -29.51 -0.89 -43.22
CA PHE D 27 -28.82 0.14 -43.96
C PHE D 27 -27.70 -0.46 -44.82
N SER D 28 -27.30 0.26 -45.86
CA SER D 28 -26.15 -0.12 -46.70
C SER D 28 -24.89 0.60 -46.21
N LEU D 29 -23.74 -0.07 -46.31
CA LEU D 29 -22.46 0.55 -46.00
C LEU D 29 -22.07 1.65 -46.99
N THR D 30 -22.65 1.60 -48.18
CA THR D 30 -22.42 2.61 -49.20
C THR D 30 -22.94 3.99 -48.78
N THR D 31 -23.85 4.03 -47.81
CA THR D 31 -24.49 5.28 -47.41
C THR D 31 -24.34 5.66 -45.92
N TYR D 32 -24.04 4.69 -45.06
CA TYR D 32 -23.83 5.03 -43.64
C TYR D 32 -22.47 4.67 -43.04
N GLY D 33 -22.00 5.50 -42.13
CA GLY D 33 -20.74 5.24 -41.42
C GLY D 33 -20.99 4.27 -40.29
N VAL D 34 -19.98 3.48 -39.97
CA VAL D 34 -20.06 2.51 -38.87
C VAL D 34 -19.01 2.78 -37.81
N HIS D 35 -19.45 2.93 -36.56
CA HIS D 35 -18.57 3.23 -35.45
C HIS D 35 -18.15 1.98 -34.68
N TRP D 36 -16.98 2.04 -34.03
CA TRP D 36 -16.57 1.00 -33.08
C TRP D 36 -16.37 1.62 -31.71
N VAL D 37 -16.94 0.96 -30.71
CA VAL D 37 -16.97 1.41 -29.34
C VAL D 37 -16.61 0.23 -28.43
N ARG D 38 -16.06 0.52 -27.26
CA ARG D 38 -15.88 -0.56 -26.30
C ARG D 38 -16.34 -0.18 -24.92
N GLN D 39 -16.56 -1.19 -24.11
CA GLN D 39 -16.99 -0.99 -22.74
C GLN D 39 -16.25 -1.93 -21.81
N SER D 40 -15.73 -1.37 -20.72
CA SER D 40 -15.21 -2.16 -19.62
C SER D 40 -15.70 -1.51 -18.33
N PRO D 41 -15.72 -2.27 -17.21
CA PRO D 41 -16.11 -1.66 -15.92
C PRO D 41 -15.35 -0.36 -15.59
N GLY D 42 -14.06 -0.34 -15.92
CA GLY D 42 -13.14 0.74 -15.53
C GLY D 42 -13.26 2.05 -16.30
N LYS D 43 -13.29 1.96 -17.64
CA LYS D 43 -13.25 3.14 -18.52
C LYS D 43 -14.64 3.63 -19.00
N GLY D 44 -15.70 2.89 -18.68
CA GLY D 44 -17.07 3.18 -19.18
C GLY D 44 -17.18 2.90 -20.68
N LEU D 45 -18.00 3.67 -21.37
CA LEU D 45 -18.01 3.58 -22.83
C LEU D 45 -16.89 4.40 -23.43
N GLU D 46 -16.18 3.83 -24.41
CA GLU D 46 -15.10 4.53 -25.09
C GLU D 46 -15.27 4.39 -26.61
N TRP D 47 -15.21 5.51 -27.34
CA TRP D 47 -15.31 5.52 -28.79
C TRP D 47 -13.94 5.26 -29.37
N LEU D 48 -13.85 4.39 -30.37
CA LEU D 48 -12.55 3.99 -30.92
C LEU D 48 -12.28 4.46 -32.34
N GLY D 49 -13.35 4.64 -33.12
CA GLY D 49 -13.18 4.98 -34.53
C GLY D 49 -14.40 4.73 -35.38
N VAL D 50 -14.37 5.26 -36.61
CA VAL D 50 -15.49 5.17 -37.54
C VAL D 50 -14.92 4.98 -38.94
N ILE D 51 -15.57 4.10 -39.72
CA ILE D 51 -15.36 4.12 -41.15
C ILE D 51 -16.61 4.76 -41.76
N TRP D 52 -16.41 5.87 -42.48
CA TRP D 52 -17.50 6.64 -43.07
C TRP D 52 -17.98 5.96 -44.36
N SER D 53 -19.16 6.36 -44.83
CA SER D 53 -19.76 5.71 -45.99
C SER D 53 -18.83 5.77 -47.21
N GLY D 54 -18.19 6.92 -47.41
CA GLY D 54 -17.28 7.12 -48.53
C GLY D 54 -16.01 6.31 -48.45
N GLY D 55 -15.71 5.72 -47.29
CA GLY D 55 -14.51 4.88 -47.18
C GLY D 55 -13.39 5.37 -46.29
N SER D 56 -13.32 6.68 -46.06
CA SER D 56 -12.33 7.25 -45.13
C SER D 56 -12.63 6.88 -43.68
N THR D 57 -11.58 6.86 -42.86
CA THR D 57 -11.74 6.55 -41.44
C THR D 57 -11.31 7.75 -40.58
N ASP D 58 -11.85 7.82 -39.36
CA ASP D 58 -11.27 8.63 -38.30
C ASP D 58 -11.07 7.67 -37.11
N TYR D 59 -9.99 7.87 -36.35
CA TYR D 59 -9.71 7.01 -35.21
C TYR D 59 -9.51 7.85 -33.97
N ASN D 60 -9.75 7.26 -32.80
CA ASN D 60 -9.34 7.89 -31.57
C ASN D 60 -7.82 7.95 -31.51
N ALA D 61 -7.28 9.15 -31.21
CA ALA D 61 -5.84 9.41 -31.22
C ALA D 61 -5.02 8.47 -30.34
N ALA D 62 -5.62 8.05 -29.22
CA ALA D 62 -4.97 7.14 -28.27
C ALA D 62 -4.81 5.71 -28.81
N PHE D 63 -5.42 5.42 -29.95
CA PHE D 63 -5.31 4.09 -30.54
C PHE D 63 -4.80 4.13 -31.96
N ILE D 64 -4.56 5.34 -32.49
CA ILE D 64 -4.19 5.49 -33.89
C ILE D 64 -2.95 4.66 -34.28
N SER D 65 -2.08 4.38 -33.33
CA SER D 65 -0.87 3.62 -33.62
C SER D 65 -1.12 2.12 -33.87
N ARG D 66 -2.26 1.60 -33.41
CA ARG D 66 -2.49 0.16 -33.47
C ARG D 66 -3.89 -0.28 -33.92
N LEU D 67 -4.66 0.66 -34.47
CA LEU D 67 -6.06 0.39 -34.79
C LEU D 67 -6.30 0.48 -36.29
N SER D 68 -7.12 -0.44 -36.80
CA SER D 68 -7.43 -0.53 -38.22
C SER D 68 -8.92 -0.87 -38.43
N ILE D 69 -9.64 -0.02 -39.15
CA ILE D 69 -11.02 -0.36 -39.55
C ILE D 69 -11.18 -0.27 -41.06
N SER D 70 -11.60 -1.37 -41.68
CA SER D 70 -11.87 -1.41 -43.13
C SER D 70 -13.27 -1.97 -43.35
N LYS D 71 -13.68 -2.07 -44.62
CA LYS D 71 -14.96 -2.67 -44.98
C LYS D 71 -14.99 -3.27 -46.39
N ASP D 72 -16.09 -3.96 -46.68
CA ASP D 72 -16.42 -4.46 -48.02
C ASP D 72 -17.92 -4.17 -48.21
N ASN D 73 -18.23 -3.19 -49.07
CA ASN D 73 -19.61 -2.71 -49.27
C ASN D 73 -20.58 -3.78 -49.76
N SER D 74 -20.18 -4.54 -50.77
CA SER D 74 -21.05 -5.56 -51.36
C SER D 74 -21.21 -6.84 -50.54
N LYS D 75 -20.35 -7.05 -49.53
CA LYS D 75 -20.52 -8.17 -48.58
C LYS D 75 -21.08 -7.72 -47.22
N SER D 76 -21.46 -6.45 -47.11
CA SER D 76 -21.99 -5.89 -45.86
C SER D 76 -21.08 -6.14 -44.65
N HIS D 77 -19.77 -6.26 -44.89
CA HIS D 77 -18.82 -6.50 -43.80
C HIS D 77 -18.03 -5.25 -43.39
N VAL D 78 -17.83 -5.12 -42.08
CA VAL D 78 -16.91 -4.13 -41.52
C VAL D 78 -15.91 -4.90 -40.67
N PHE D 79 -14.64 -4.56 -40.83
CA PHE D 79 -13.56 -5.26 -40.14
C PHE D 79 -12.88 -4.34 -39.15
N PHE D 80 -12.81 -4.76 -37.90
CA PHE D 80 -12.09 -4.05 -36.84
C PHE D 80 -10.81 -4.84 -36.53
N LYS D 81 -9.65 -4.17 -36.62
CA LYS D 81 -8.38 -4.77 -36.24
C LYS D 81 -7.62 -3.94 -35.22
N MET D 82 -7.22 -4.56 -34.12
CA MET D 82 -6.39 -3.87 -33.14
C MET D 82 -5.16 -4.68 -32.79
N ASN D 83 -4.00 -4.05 -32.93
CA ASN D 83 -2.71 -4.68 -32.64
C ASN D 83 -2.31 -4.60 -31.17
N SER D 84 -1.36 -5.46 -30.81
CA SER D 84 -0.64 -5.49 -29.52
C SER D 84 -1.48 -5.17 -28.29
N LEU D 85 -2.42 -6.07 -28.01
CA LEU D 85 -3.33 -5.93 -26.90
C LEU D 85 -2.63 -6.20 -25.57
N GLN D 86 -3.14 -5.53 -24.54
CA GLN D 86 -2.62 -5.65 -23.19
C GLN D 86 -3.82 -5.93 -22.31
N ALA D 87 -3.57 -6.32 -21.06
CA ALA D 87 -4.63 -6.66 -20.12
C ALA D 87 -5.79 -5.64 -20.12
N ASN D 88 -5.47 -4.35 -20.05
CA ASN D 88 -6.50 -3.30 -19.99
C ASN D 88 -7.31 -3.06 -21.28
N ASP D 89 -7.05 -3.87 -22.31
CA ASP D 89 -7.88 -3.87 -23.50
C ASP D 89 -9.04 -4.84 -23.36
N THR D 90 -9.07 -5.60 -22.26
CA THR D 90 -10.21 -6.48 -21.94
C THR D 90 -11.49 -5.65 -21.90
N ALA D 91 -12.42 -5.96 -22.79
CA ALA D 91 -13.70 -5.26 -22.87
C ALA D 91 -14.71 -5.96 -23.80
N ILE D 92 -15.95 -5.46 -23.76
CA ILE D 92 -16.96 -5.77 -24.75
C ILE D 92 -16.80 -4.75 -25.88
N TYR D 93 -16.50 -5.26 -27.09
CA TYR D 93 -16.38 -4.44 -28.28
C TYR D 93 -17.66 -4.43 -29.11
N TYR D 94 -18.08 -3.25 -29.57
CA TYR D 94 -19.29 -3.14 -30.39
C TYR D 94 -19.09 -2.41 -31.69
N CYS D 95 -19.76 -2.87 -32.74
N CYS D 95 -19.79 -2.89 -32.71
CA CYS D 95 -19.98 -2.04 -33.91
CA CYS D 95 -20.14 -2.08 -33.86
C CYS D 95 -21.38 -1.44 -33.81
C CYS D 95 -21.30 -1.24 -33.47
N ALA D 96 -21.54 -0.20 -34.26
CA ALA D 96 -22.76 0.59 -34.06
C ALA D 96 -22.96 1.68 -35.09
N ARG D 97 -24.22 1.91 -35.38
CA ARG D 97 -24.63 3.13 -36.04
C ARG D 97 -24.73 4.13 -34.90
N MET D 98 -24.03 5.26 -35.01
CA MET D 98 -24.20 6.37 -34.07
C MET D 98 -23.93 7.70 -34.76
N ARG D 99 -24.04 8.81 -34.02
CA ARG D 99 -24.01 10.13 -34.66
C ARG D 99 -25.20 10.22 -35.65
N ILE D 100 -26.39 10.02 -35.11
CA ILE D 100 -27.57 9.80 -35.94
C ILE D 100 -28.20 11.12 -36.42
N THR D 101 -28.42 11.24 -37.73
CA THR D 101 -29.27 12.30 -38.32
C THR D 101 -30.56 11.70 -38.81
N THR D 102 -30.43 10.53 -39.45
CA THR D 102 -31.56 9.83 -40.04
C THR D 102 -31.80 8.59 -39.22
N ASP D 103 -32.98 8.53 -38.61
CA ASP D 103 -33.43 7.34 -37.88
C ASP D 103 -33.72 6.14 -38.81
N TRP D 104 -32.66 5.53 -39.34
CA TRP D 104 -32.80 4.52 -40.38
C TRP D 104 -31.94 3.32 -40.02
N PHE D 105 -32.59 2.28 -39.50
CA PHE D 105 -31.88 1.06 -39.10
C PHE D 105 -30.61 1.38 -38.31
N ALA D 106 -30.77 2.10 -37.20
CA ALA D 106 -29.65 2.54 -36.36
C ALA D 106 -29.31 1.45 -35.37
N TYR D 107 -28.76 0.37 -35.89
CA TYR D 107 -28.51 -0.80 -35.09
C TYR D 107 -27.09 -0.80 -34.53
N TRP D 108 -26.96 -1.45 -33.37
CA TRP D 108 -25.70 -1.82 -32.74
C TRP D 108 -25.46 -3.33 -32.89
N GLY D 109 -24.20 -3.72 -32.99
CA GLY D 109 -23.81 -5.12 -32.90
C GLY D 109 -24.14 -5.76 -31.56
N GLN D 110 -24.21 -7.09 -31.54
CA GLN D 110 -24.49 -7.86 -30.33
C GLN D 110 -23.43 -7.62 -29.27
N GLY D 111 -22.22 -7.21 -29.70
CA GLY D 111 -21.08 -7.06 -28.81
C GLY D 111 -20.29 -8.36 -28.70
N THR D 112 -18.96 -8.24 -28.69
CA THR D 112 -18.02 -9.33 -28.53
C THR D 112 -17.20 -9.09 -27.27
N LEU D 113 -17.26 -10.01 -26.32
CA LEU D 113 -16.37 -9.94 -25.15
C LEU D 113 -14.99 -10.45 -25.54
N VAL D 114 -13.99 -9.59 -25.38
CA VAL D 114 -12.60 -9.98 -25.60
C VAL D 114 -11.83 -9.91 -24.28
N THR D 115 -11.31 -11.04 -23.86
CA THR D 115 -10.48 -11.11 -22.67
C THR D 115 -9.03 -11.19 -23.14
N VAL D 116 -8.17 -10.34 -22.61
CA VAL D 116 -6.73 -10.37 -22.95
C VAL D 116 -5.96 -10.88 -21.74
N SER D 117 -5.35 -12.05 -21.89
CA SER D 117 -4.62 -12.70 -20.80
C SER D 117 -3.78 -13.89 -21.27
N ALA D 118 -2.65 -14.08 -20.59
CA ALA D 118 -1.73 -15.18 -20.92
C ALA D 118 -1.92 -16.34 -19.93
N ALA D 119 -2.85 -16.19 -18.99
CA ALA D 119 -3.11 -17.25 -17.99
C ALA D 119 -3.57 -18.57 -18.64
N LYS D 120 -3.20 -19.68 -17.98
CA LYS D 120 -3.70 -21.01 -18.32
C LYS D 120 -4.96 -21.30 -17.52
N THR D 121 -5.82 -22.17 -18.08
CA THR D 121 -6.97 -22.71 -17.33
C THR D 121 -6.54 -23.29 -15.97
N THR D 122 -7.18 -22.82 -14.90
CA THR D 122 -6.81 -23.20 -13.55
C THR D 122 -8.06 -23.27 -12.67
N PRO D 123 -8.20 -24.36 -11.89
CA PRO D 123 -9.30 -24.53 -10.93
C PRO D 123 -9.18 -23.53 -9.79
N PRO D 124 -10.31 -23.18 -9.17
CA PRO D 124 -10.20 -22.32 -8.00
C PRO D 124 -9.74 -23.09 -6.76
N SER D 125 -9.14 -22.38 -5.81
CA SER D 125 -9.07 -22.87 -4.44
C SER D 125 -10.30 -22.30 -3.78
N VAL D 126 -10.94 -23.09 -2.93
CA VAL D 126 -12.17 -22.66 -2.28
C VAL D 126 -11.88 -22.76 -0.80
N TYR D 127 -12.05 -21.65 -0.09
CA TYR D 127 -11.75 -21.60 1.33
C TYR D 127 -13.01 -21.19 2.10
N PRO D 128 -13.36 -21.98 3.13
CA PRO D 128 -14.52 -21.70 3.98
C PRO D 128 -14.23 -20.51 4.86
N LEU D 129 -15.23 -19.67 5.12
CA LEU D 129 -15.04 -18.52 5.97
C LEU D 129 -16.04 -18.59 7.12
N ALA D 130 -15.56 -18.94 8.30
CA ALA D 130 -16.39 -18.98 9.52
C ALA D 130 -16.03 -17.77 10.38
N PRO D 131 -16.95 -17.33 11.27
CA PRO D 131 -16.60 -16.22 12.18
C PRO D 131 -15.33 -16.50 12.96
N GLY D 132 -14.65 -15.44 13.37
CA GLY D 132 -13.56 -15.55 14.31
C GLY D 132 -14.01 -16.28 15.56
N SER D 133 -13.05 -16.97 16.16
CA SER D 133 -13.27 -17.82 17.30
C SER D 133 -14.06 -17.16 18.43
N ALA D 134 -13.74 -15.92 18.78
CA ALA D 134 -14.46 -15.24 19.87
C ALA D 134 -15.53 -14.24 19.40
N ALA D 135 -16.01 -14.40 18.17
CA ALA D 135 -17.03 -13.48 17.62
C ALA D 135 -18.35 -13.62 18.39
N GLN D 136 -19.09 -12.54 18.49
CA GLN D 136 -20.36 -12.51 19.23
C GLN D 136 -21.47 -13.26 18.48
N THR D 137 -22.37 -13.91 19.20
CA THR D 137 -23.52 -14.49 18.49
C THR D 137 -24.67 -13.48 18.44
N ASN D 138 -25.06 -13.13 17.21
CA ASN D 138 -26.18 -12.24 16.91
C ASN D 138 -27.36 -13.12 16.45
N SER D 139 -28.51 -12.53 16.14
CA SER D 139 -29.65 -13.38 15.73
C SER D 139 -29.51 -13.99 14.32
N MET D 140 -28.71 -13.35 13.46
CA MET D 140 -28.33 -13.92 12.16
C MET D 140 -26.83 -14.15 12.15
N VAL D 141 -26.39 -15.16 11.41
CA VAL D 141 -24.96 -15.39 11.27
C VAL D 141 -24.59 -15.36 9.78
N THR D 142 -23.51 -14.67 9.45
CA THR D 142 -23.02 -14.65 8.08
C THR D 142 -21.84 -15.61 7.95
N LEU D 143 -21.85 -16.39 6.88
CA LEU D 143 -20.80 -17.30 6.60
C LEU D 143 -20.35 -17.01 5.20
N GLY D 144 -19.22 -17.57 4.82
CA GLY D 144 -18.67 -17.17 3.56
C GLY D 144 -17.77 -18.17 2.92
N CYS D 145 -17.38 -17.83 1.70
CA CYS D 145 -16.67 -18.74 0.87
C CYS D 145 -15.79 -17.89 -0.01
N LEU D 146 -14.49 -18.15 0.02
CA LEU D 146 -13.59 -17.41 -0.82
C LEU D 146 -13.06 -18.34 -1.92
N VAL D 147 -13.23 -17.92 -3.16
CA VAL D 147 -12.95 -18.72 -4.35
C VAL D 147 -11.85 -17.97 -5.02
N LYS D 148 -10.66 -18.54 -5.01
CA LYS D 148 -9.44 -17.81 -5.30
C LYS D 148 -8.59 -18.49 -6.37
N GLY D 149 -8.07 -17.70 -7.29
CA GLY D 149 -7.03 -18.16 -8.19
C GLY D 149 -7.45 -19.00 -9.39
N TYR D 150 -8.59 -18.68 -9.98
CA TYR D 150 -9.11 -19.49 -11.08
C TYR D 150 -9.07 -18.74 -12.42
N PHE D 151 -9.12 -19.49 -13.51
CA PHE D 151 -9.15 -18.92 -14.85
C PHE D 151 -9.70 -19.96 -15.82
N PRO D 152 -10.55 -19.55 -16.79
CA PRO D 152 -11.16 -18.23 -16.98
C PRO D 152 -12.41 -18.17 -16.13
N GLU D 153 -13.16 -17.09 -16.25
CA GLU D 153 -14.54 -17.01 -15.74
C GLU D 153 -15.45 -17.87 -16.63
N PRO D 154 -16.60 -18.33 -16.10
CA PRO D 154 -17.09 -18.09 -14.76
C PRO D 154 -16.88 -19.27 -13.81
N VAL D 155 -17.15 -19.04 -12.54
CA VAL D 155 -17.47 -20.11 -11.60
C VAL D 155 -18.95 -19.97 -11.30
N THR D 156 -19.57 -21.08 -10.89
CA THR D 156 -20.95 -21.06 -10.44
C THR D 156 -20.87 -21.39 -8.96
N VAL D 157 -21.40 -20.50 -8.12
CA VAL D 157 -21.35 -20.69 -6.67
C VAL D 157 -22.76 -20.83 -6.15
N THR D 158 -23.02 -21.92 -5.44
CA THR D 158 -24.30 -22.09 -4.76
C THR D 158 -24.06 -22.45 -3.29
N TRP D 159 -25.13 -22.43 -2.51
CA TRP D 159 -25.09 -22.79 -1.08
C TRP D 159 -26.13 -23.87 -0.79
N ASN D 160 -25.68 -24.98 -0.20
CA ASN D 160 -26.48 -26.18 0.00
C ASN D 160 -27.20 -26.60 -1.30
N SER D 161 -26.46 -26.63 -2.41
CA SER D 161 -26.98 -26.91 -3.77
C SER D 161 -28.22 -26.10 -4.17
N GLY D 162 -28.44 -24.94 -3.56
CA GLY D 162 -29.59 -24.12 -3.91
C GLY D 162 -30.69 -24.13 -2.87
N SER D 163 -30.55 -24.96 -1.85
CA SER D 163 -31.51 -24.96 -0.74
C SER D 163 -31.45 -23.67 0.08
N LEU D 164 -30.31 -22.97 0.00
CA LEU D 164 -30.19 -21.61 0.55
C LEU D 164 -30.12 -20.68 -0.63
N SER D 165 -31.21 -19.96 -0.86
CA SER D 165 -31.31 -19.05 -2.02
C SER D 165 -31.33 -17.61 -1.52
N SER D 166 -32.28 -17.32 -0.63
CA SER D 166 -32.34 -16.01 -0.01
C SER D 166 -31.16 -15.78 0.97
N GLY D 167 -30.78 -14.54 1.15
CA GLY D 167 -29.66 -14.22 2.05
C GLY D 167 -28.29 -14.59 1.49
N VAL D 168 -28.20 -14.81 0.18
CA VAL D 168 -26.94 -15.08 -0.53
C VAL D 168 -26.48 -13.85 -1.30
N HIS D 169 -25.20 -13.50 -1.22
CA HIS D 169 -24.64 -12.45 -2.10
C HIS D 169 -23.35 -13.00 -2.71
N THR D 170 -23.25 -12.97 -4.04
CA THR D 170 -22.02 -13.40 -4.70
C THR D 170 -21.43 -12.19 -5.41
N PHE D 171 -20.18 -11.86 -5.11
CA PHE D 171 -19.62 -10.59 -5.54
C PHE D 171 -18.86 -10.78 -6.88
N PRO D 172 -18.79 -9.74 -7.74
CA PRO D 172 -18.12 -9.98 -9.03
C PRO D 172 -16.64 -10.29 -8.82
N ALA D 173 -16.06 -11.07 -9.72
CA ALA D 173 -14.66 -11.46 -9.64
C ALA D 173 -13.75 -10.26 -9.89
N VAL D 174 -12.61 -10.22 -9.21
CA VAL D 174 -11.55 -9.22 -9.46
C VAL D 174 -10.30 -9.96 -9.88
N LEU D 175 -9.50 -9.38 -10.77
CA LEU D 175 -8.23 -9.97 -11.17
C LEU D 175 -7.16 -9.78 -10.08
N GLN D 176 -6.54 -10.88 -9.66
CA GLN D 176 -5.41 -10.85 -8.74
C GLN D 176 -4.25 -11.63 -9.34
N SER D 177 -3.15 -10.92 -9.58
CA SER D 177 -2.14 -11.32 -10.55
C SER D 177 -2.86 -11.46 -11.90
N ASP D 178 -2.80 -12.65 -12.47
CA ASP D 178 -3.46 -12.97 -13.71
C ASP D 178 -4.71 -13.83 -13.46
N LEU D 179 -5.10 -14.02 -12.20
CA LEU D 179 -6.18 -14.96 -11.88
C LEU D 179 -7.33 -14.27 -11.18
N TYR D 180 -8.50 -14.88 -11.24
CA TYR D 180 -9.74 -14.32 -10.69
C TYR D 180 -9.96 -14.74 -9.26
N THR D 181 -10.64 -13.88 -8.51
CA THR D 181 -11.03 -14.20 -7.15
C THR D 181 -12.40 -13.58 -6.91
N LEU D 182 -13.25 -14.32 -6.22
CA LEU D 182 -14.49 -13.73 -5.70
C LEU D 182 -14.78 -14.29 -4.31
N SER D 183 -15.75 -13.67 -3.66
CA SER D 183 -16.26 -14.25 -2.45
C SER D 183 -17.75 -14.29 -2.54
N SER D 184 -18.31 -15.20 -1.77
CA SER D 184 -19.74 -15.29 -1.64
C SER D 184 -20.08 -15.32 -0.17
N SER D 185 -21.17 -14.66 0.20
CA SER D 185 -21.66 -14.75 1.56
C SER D 185 -23.07 -15.31 1.61
N VAL D 186 -23.35 -16.03 2.69
CA VAL D 186 -24.69 -16.48 2.98
C VAL D 186 -25.04 -16.13 4.42
N THR D 187 -26.29 -15.72 4.64
CA THR D 187 -26.75 -15.38 5.98
C THR D 187 -27.90 -16.32 6.39
N VAL D 188 -27.79 -16.90 7.58
CA VAL D 188 -28.78 -17.86 8.12
C VAL D 188 -29.08 -17.49 9.57
N PRO D 189 -30.28 -17.89 10.08
CA PRO D 189 -30.54 -17.64 11.51
C PRO D 189 -29.49 -18.36 12.37
N SER D 190 -29.01 -17.67 13.40
CA SER D 190 -27.92 -18.19 14.22
C SER D 190 -28.25 -19.49 14.91
N SER D 191 -29.53 -19.68 15.26
CA SER D 191 -30.01 -20.91 15.87
C SER D 191 -29.78 -22.16 15.02
N THR D 192 -29.63 -22.01 13.70
CA THR D 192 -29.53 -23.14 12.77
C THR D 192 -28.08 -23.50 12.40
N TRP D 193 -27.12 -22.73 12.89
CA TRP D 193 -25.72 -23.00 12.57
C TRP D 193 -24.87 -22.94 13.84
N PRO D 194 -24.06 -23.99 14.10
CA PRO D 194 -23.70 -25.08 13.19
C PRO D 194 -24.64 -26.30 13.17
N SER D 195 -25.77 -26.23 13.88
CA SER D 195 -26.69 -27.41 13.95
C SER D 195 -27.16 -27.93 12.59
N GLU D 196 -27.45 -27.07 11.63
CA GLU D 196 -27.54 -27.59 10.26
C GLU D 196 -26.45 -27.08 9.36
N THR D 197 -26.00 -28.01 8.54
CA THR D 197 -24.79 -27.85 7.77
C THR D 197 -24.95 -26.78 6.69
N VAL D 198 -23.87 -26.03 6.47
CA VAL D 198 -23.82 -25.05 5.42
C VAL D 198 -22.61 -25.37 4.57
N THR D 199 -22.85 -25.59 3.28
CA THR D 199 -21.81 -25.96 2.34
C THR D 199 -21.82 -25.05 1.11
N CYS D 200 -20.65 -24.55 0.77
CA CYS D 200 -20.41 -23.79 -0.44
C CYS D 200 -20.18 -24.82 -1.57
N ASN D 201 -20.88 -24.66 -2.69
CA ASN D 201 -20.65 -25.53 -3.87
C ASN D 201 -20.09 -24.68 -4.97
N VAL D 202 -18.98 -25.08 -5.56
CA VAL D 202 -18.35 -24.20 -6.51
C VAL D 202 -17.99 -24.99 -7.74
N ALA D 203 -18.63 -24.69 -8.86
CA ALA D 203 -18.34 -25.39 -10.11
C ALA D 203 -17.51 -24.52 -11.04
N HIS D 204 -16.54 -25.12 -11.70
CA HIS D 204 -15.74 -24.39 -12.67
C HIS D 204 -15.61 -25.22 -13.96
N PRO D 205 -16.52 -24.96 -14.90
CA PRO D 205 -16.67 -25.80 -16.08
C PRO D 205 -15.40 -25.96 -16.88
N ALA D 206 -14.61 -24.90 -17.02
CA ALA D 206 -13.39 -24.96 -17.87
C ALA D 206 -12.33 -25.94 -17.38
N SER D 207 -12.20 -26.09 -16.06
CA SER D 207 -11.27 -27.08 -15.48
C SER D 207 -11.98 -28.38 -15.09
N SER D 208 -13.29 -28.47 -15.35
CA SER D 208 -14.07 -29.66 -15.04
C SER D 208 -14.06 -30.02 -13.56
N THR D 209 -14.14 -29.02 -12.69
CA THR D 209 -14.11 -29.26 -11.26
C THR D 209 -15.36 -28.76 -10.55
N LYS D 210 -15.77 -29.51 -9.54
CA LYS D 210 -16.85 -29.10 -8.70
C LYS D 210 -16.40 -29.44 -7.31
N VAL D 211 -16.39 -28.45 -6.45
CA VAL D 211 -15.86 -28.61 -5.12
C VAL D 211 -16.94 -28.21 -4.14
N ASP D 212 -16.98 -28.94 -3.03
CA ASP D 212 -17.94 -28.64 -1.98
C ASP D 212 -17.21 -28.41 -0.67
N LYS D 213 -17.42 -27.24 -0.10
CA LYS D 213 -16.71 -26.84 1.09
C LYS D 213 -17.67 -26.58 2.22
N LYS D 214 -17.62 -27.43 3.23
CA LYS D 214 -18.44 -27.31 4.41
C LYS D 214 -17.89 -26.19 5.28
N ILE D 215 -18.78 -25.36 5.82
CA ILE D 215 -18.34 -24.32 6.76
C ILE D 215 -18.48 -24.87 8.17
N VAL D 216 -17.33 -25.01 8.85
CA VAL D 216 -17.23 -25.58 10.18
C VAL D 216 -16.84 -24.49 11.17
N PRO D 217 -17.48 -24.45 12.38
CA PRO D 217 -16.99 -23.53 13.42
C PRO D 217 -15.52 -23.81 13.67
N ARG D 218 -14.77 -22.76 14.00
CA ARG D 218 -13.32 -22.86 14.13
C ARG D 218 -12.86 -22.86 15.59
C1 NAG E . 10.06 9.11 30.46
C2 NAG E . 10.73 8.93 31.84
C3 NAG E . 9.68 8.68 32.93
C4 NAG E . 8.72 9.87 32.94
C5 NAG E . 7.97 9.72 31.61
C6 NAG E . 6.68 10.56 31.53
C7 NAG E . 12.98 7.95 31.76
C8 NAG E . 13.78 6.68 31.84
N2 NAG E . 11.66 7.81 31.89
O3 NAG E . 10.29 8.41 34.17
O4 NAG E . 7.87 9.84 34.07
O5 NAG E . 8.89 9.95 30.52
O6 NAG E . 6.96 11.94 31.43
O7 NAG E . 13.55 9.04 31.60
C1 NAG F . -2.99 0.19 -20.59
C2 NAG F . -2.79 1.47 -19.77
C3 NAG F . -1.68 2.24 -20.48
C4 NAG F . -0.37 1.48 -20.34
C5 NAG F . -0.50 -0.03 -20.66
C6 NAG F . 0.43 -0.82 -19.74
C7 NAG F . -4.72 2.48 -18.54
C8 NAG F . -4.33 1.76 -17.28
N2 NAG F . -3.98 2.30 -19.66
O3 NAG F . -1.58 3.55 -19.93
O4 NAG F . 0.64 2.09 -21.12
O5 NAG F . -1.81 -0.61 -20.59
O6 NAG F . 0.98 -1.88 -20.47
O7 NAG F . -5.72 3.21 -18.53
CA CA G . -10.09 11.09 -41.58
C ACT H . -12.15 -13.44 17.47
O ACT H . -13.18 -13.19 16.81
OXT ACT H . -11.66 -14.56 17.42
CH3 ACT H . -11.54 -12.40 18.39
C ACT I . -9.67 -16.48 14.96
O ACT I . -8.78 -16.72 14.10
OXT ACT I . -10.73 -17.15 14.96
CH3 ACT I . -9.48 -15.38 15.95
C ACT J . -11.59 -8.91 -38.74
O ACT J . -11.26 -8.44 -39.85
OXT ACT J . -11.35 -8.26 -37.70
CH3 ACT J . -12.26 -10.25 -38.64
#